data_8U4N
#
_entry.id   8U4N
#
_cell.length_a   1.00
_cell.length_b   1.00
_cell.length_c   1.00
_cell.angle_alpha   90.00
_cell.angle_beta   90.00
_cell.angle_gamma   90.00
#
_symmetry.space_group_name_H-M   'P 1'
#
loop_
_entity.id
_entity.type
_entity.pdbx_description
1 polymer 'Guanine nucleotide-binding protein G(i) subunit alpha-1'
2 polymer 'Guanine nucleotide-binding protein G(I)/G(S)/G(T) subunit beta-1'
3 polymer 'Guanine nucleotide-binding protein G(I)/G(S)/G(O) subunit gamma-2'
4 polymer 'C-X-C chemokine receptor type 4'
5 non-polymer CHOLESTEROL
#
loop_
_entity_poly.entity_id
_entity_poly.type
_entity_poly.pdbx_seq_one_letter_code
_entity_poly.pdbx_strand_id
1 'polypeptide(L)'
;MHHHHHHGGGGSGCTLSAEDKAAVERSKMIDRNLREDGEKAAREVKLLLLGAGESGKCTIVKQMKIIHEAGYSEEECKQY
KAVVYSNTIQSIIAIIRAMGRLKIDFGDSARADDARQLFVLAGAAEEGFMTAELAGVIKRLWKDSGVQACFNRSREYQLN
DSAAYYLNDLDRIAQPNYIPTQQDVLRTRVKTTGIVETHFTFKDLHFKMFDVTAQRSERKKWIHCFEGVTAIIFCVALSD
YDLVLAEDEEMNRMHASMKLFDSICNNKWFTDTSIILFLNKKDLFEEKIKKSPLTICYPEYAGSNTYEEAAAYIQCQFED
LNKRKDTKEIYTHFTCSTDTKNVQFVFDAVTDVIIKNNLKDCGLF
;
A
2 'polypeptide(L)'
;MHHHHHHGSSGSELDQLRQEAEQLKNQIRDARKACADATLSQITNNIDPVGRIQMRTRRTLRGHLAKIYAMHWGTDSRLL
VSASQDGKLIIWDSYTTNKVHAIPLRSSWVMTCAYAPSGNYVACGGLDNICSIYNLKTREGNVRVSRELAGHTGYLSCCR
FLDDNQIVTSSGDTTCALWDIETGQQTTTFTGHTGDVMSLSLAPDTRLFVSGACDASAKLWDVREGMCRQTFTGHESDIN
AICFFPNGNAFATGSDDATCRLFDLRADQELMTYSHDNIICGITSVSFSKSGRLLLAGYDDFNCNVWDALKADRAGVLAG
HDNRVSCLGVTDDGMAVATGSWDSFLKIWN
;
B
3 'polypeptide(L)' MASNNTASIAQARKLVEQLKMEANIDRIKVSKAAADLMAYCEAHAKEDPLLTPVPASENPFREKKFFCAIL C
4 'polypeptide(L)'
;MKTIIALSYIFCLVFAGAPEGISIYTSDNYTEEMGSGDYDSMKEPCFREENANFNKIFLPTIYSIIFLTGIVGNGLVILV
MGYQKKLRSMTDKYRLHLSVADLLFVITLPFWAVDAVANWYFGNFLCKAVHVIYTVSLYSSVLILAFISLDRYLAIVHAT
NSQRPRKLLAEKVVYVGVWIPALLLTIPDFIFANVSEADDRYICDRFYPNDLWVVVFQFQHIMVGLILPGIVILSCYCII
ISKLSHSKGHQKRKALKTTVILILAFFACWLPYYIGISIDSFILLEIIKQGCEFENTVHKWISITEALAFFHCCLNPILY
AFLGAKFKTSAQHALTSVSRGSSLKILSKGKRGGHSSVSTESESSSFHSSGRPLEVLFQGPGGGGSVSKGEELFTGVVPI
LVELDGDVNGHKFSVSGEGEGDATYGKLTLKFICTTGKLPVPWPTLVTTLTYGVQCFSRYPDHMKQHDFFKSAMPEGYVQ
ERTIFFKDDGNYKTRAEVKFEGDTLVNRIELKGIDFKEDGNILGHKLEYNYNSHNVYIMADKQKNGIKVNFKIRHNIEDG
SVQLADHYQQNTPIGDGPVLLPDNHYLSTQSKLSKDPNEKRDHMVLLEFVTAAGITLGMDELYKDYKDDDDK
;
R
#
loop_
_chem_comp.id
_chem_comp.type
_chem_comp.name
_chem_comp.formula
CLR non-polymer CHOLESTEROL 'C27 H46 O'
#
# COMPACT_ATOMS: atom_id res chain seq x y z
N SER A 17 33.10 5.46 18.94
CA SER A 17 32.07 5.62 17.92
C SER A 17 31.18 6.83 18.22
N ALA A 18 31.81 7.97 18.49
CA ALA A 18 31.07 9.20 18.72
C ALA A 18 30.32 9.63 17.47
N GLU A 19 31.00 9.61 16.32
CA GLU A 19 30.34 9.95 15.05
C GLU A 19 29.19 9.00 14.74
N ASP A 20 29.40 7.70 14.97
CA ASP A 20 28.34 6.73 14.70
C ASP A 20 27.15 6.94 15.64
N LYS A 21 27.42 7.28 16.90
CA LYS A 21 26.32 7.56 17.83
C LYS A 21 25.57 8.82 17.41
N ALA A 22 26.29 9.83 16.93
CA ALA A 22 25.64 11.03 16.43
C ALA A 22 24.75 10.71 15.24
N ALA A 23 25.24 9.86 14.34
CA ALA A 23 24.46 9.48 13.17
C ALA A 23 23.19 8.74 13.58
N VAL A 24 23.31 7.81 14.54
CA VAL A 24 22.14 7.07 14.98
C VAL A 24 21.13 8.01 15.64
N GLU A 25 21.61 8.97 16.41
CA GLU A 25 20.70 9.92 17.06
C GLU A 25 19.96 10.79 16.05
N ARG A 26 20.67 11.33 15.05
CA ARG A 26 19.96 12.12 14.04
C ARG A 26 19.00 11.25 13.24
N SER A 27 19.37 9.99 12.97
CA SER A 27 18.45 9.09 12.28
C SER A 27 17.19 8.87 13.09
N LYS A 28 17.33 8.68 14.40
CA LYS A 28 16.15 8.49 15.24
C LYS A 28 15.28 9.74 15.30
N MET A 29 15.89 10.93 15.28
CA MET A 29 15.07 12.13 15.33
C MET A 29 14.35 12.38 14.02
N ILE A 30 15.03 12.16 12.88
CA ILE A 30 14.34 12.30 11.61
C ILE A 30 13.27 11.23 11.43
N ASP A 31 13.52 10.00 11.89
CA ASP A 31 12.47 8.99 11.86
C ASP A 31 11.30 9.35 12.78
N ARG A 32 11.55 10.15 13.82
CA ARG A 32 10.44 10.54 14.67
C ARG A 32 9.74 11.78 14.13
N ASN A 33 10.35 12.45 13.16
CA ASN A 33 9.66 13.52 12.49
C ASN A 33 8.85 12.95 11.32
N LEU A 34 9.37 11.87 10.73
CA LEU A 34 8.65 11.15 9.68
C LEU A 34 7.37 10.54 10.22
N ARG A 35 7.41 9.95 11.41
CA ARG A 35 6.19 9.37 11.95
C ARG A 35 5.12 10.42 12.24
N GLU A 36 5.50 11.57 12.81
CA GLU A 36 4.50 12.59 13.07
C GLU A 36 3.96 13.17 11.76
N ASP A 37 4.82 13.33 10.76
CA ASP A 37 4.34 13.79 9.45
C ASP A 37 3.38 12.78 8.84
N GLY A 38 3.65 11.49 9.02
CA GLY A 38 2.74 10.48 8.52
C GLY A 38 1.40 10.51 9.23
N GLU A 39 1.40 10.73 10.55
CA GLU A 39 0.13 10.90 11.27
C GLU A 39 -0.64 12.09 10.74
N LYS A 40 0.05 13.22 10.55
CA LYS A 40 -0.60 14.41 10.03
C LYS A 40 -1.20 14.16 8.65
N ALA A 41 -0.47 13.45 7.79
CA ALA A 41 -0.99 13.12 6.47
C ALA A 41 -2.18 12.17 6.54
N ALA A 42 -2.13 11.20 7.45
CA ALA A 42 -3.24 10.26 7.60
C ALA A 42 -4.49 10.94 8.15
N ARG A 43 -4.34 12.07 8.83
CA ARG A 43 -5.49 12.84 9.29
C ARG A 43 -6.01 13.81 8.22
N GLU A 44 -5.72 13.53 6.95
CA GLU A 44 -6.08 14.42 5.85
C GLU A 44 -7.06 13.72 4.91
N VAL A 45 -7.84 14.52 4.19
CA VAL A 45 -8.74 14.04 3.15
C VAL A 45 -8.18 14.48 1.82
N LYS A 46 -8.01 13.53 0.90
CA LYS A 46 -7.46 13.79 -0.41
C LYS A 46 -8.52 13.47 -1.46
N LEU A 47 -8.93 14.47 -2.22
CA LEU A 47 -9.95 14.33 -3.24
C LEU A 47 -9.35 14.58 -4.60
N LEU A 48 -9.66 13.73 -5.57
CA LEU A 48 -9.18 13.87 -6.94
C LEU A 48 -10.33 14.37 -7.79
N LEU A 49 -10.11 15.46 -8.51
CA LEU A 49 -11.14 16.08 -9.33
C LEU A 49 -10.96 15.65 -10.78
N LEU A 50 -12.05 15.22 -11.41
CA LEU A 50 -12.00 14.77 -12.80
C LEU A 50 -13.22 15.32 -13.53
N GLY A 51 -13.09 15.46 -14.84
CA GLY A 51 -14.16 15.97 -15.68
C GLY A 51 -13.79 15.89 -17.14
N ALA A 52 -14.78 15.81 -18.02
CA ALA A 52 -14.52 15.57 -19.44
C ALA A 52 -14.46 16.85 -20.28
N GLY A 53 -15.56 17.60 -20.34
CA GLY A 53 -15.64 18.73 -21.24
C GLY A 53 -15.10 20.02 -20.66
N GLU A 54 -15.67 20.44 -19.54
CA GLU A 54 -15.17 21.60 -18.80
C GLU A 54 -13.99 21.25 -17.91
N SER A 55 -13.59 19.98 -17.87
CA SER A 55 -12.39 19.42 -17.28
C SER A 55 -12.43 19.34 -15.75
N GLY A 56 -13.47 19.86 -15.10
CA GLY A 56 -13.57 19.83 -13.67
C GLY A 56 -13.10 21.07 -12.94
N LYS A 57 -12.56 22.07 -13.66
CA LYS A 57 -12.23 23.33 -13.03
C LYS A 57 -13.47 24.21 -12.95
N CYS A 58 -14.57 23.65 -12.45
CA CYS A 58 -15.83 24.33 -12.26
C CYS A 58 -15.89 24.87 -10.82
N THR A 59 -17.09 25.21 -10.36
CA THR A 59 -17.32 25.78 -9.04
C THR A 59 -16.78 24.91 -7.90
N ILE A 60 -16.30 23.70 -8.23
CA ILE A 60 -15.69 22.85 -7.20
C ILE A 60 -14.51 23.56 -6.55
N VAL A 61 -13.70 24.26 -7.34
CA VAL A 61 -12.62 25.07 -6.77
C VAL A 61 -13.08 26.48 -6.43
N LYS A 62 -14.20 26.94 -6.99
CA LYS A 62 -14.69 28.28 -6.68
C LYS A 62 -15.32 28.35 -5.29
N GLN A 63 -15.84 27.23 -4.78
CA GLN A 63 -16.55 27.25 -3.51
C GLN A 63 -15.66 27.76 -2.38
N MET A 64 -14.44 27.24 -2.29
CA MET A 64 -13.44 27.72 -1.32
C MET A 64 -12.11 26.99 -1.53
N THR A 193 2.68 23.09 -12.30
CA THR A 193 1.70 23.39 -13.35
C THR A 193 0.94 22.15 -13.80
N GLY A 194 1.56 20.98 -13.62
CA GLY A 194 0.90 19.75 -14.03
C GLY A 194 -0.31 19.40 -13.18
N ILE A 195 -0.22 19.62 -11.88
CA ILE A 195 -1.31 19.33 -10.97
C ILE A 195 -1.51 20.54 -10.07
N VAL A 196 -2.76 20.89 -9.83
CA VAL A 196 -3.12 22.02 -9.00
C VAL A 196 -3.72 21.47 -7.71
N GLU A 197 -3.06 21.72 -6.60
CA GLU A 197 -3.51 21.25 -5.30
C GLU A 197 -4.16 22.40 -4.55
N THR A 198 -5.39 22.19 -4.11
CA THR A 198 -6.16 23.19 -3.38
C THR A 198 -6.39 22.69 -1.96
N HIS A 199 -6.03 23.52 -1.00
CA HIS A 199 -6.17 23.19 0.41
C HIS A 199 -7.31 24.00 1.02
N PHE A 200 -8.19 23.34 1.74
CA PHE A 200 -9.21 24.05 2.49
C PHE A 200 -9.62 23.19 3.68
N THR A 201 -10.04 23.84 4.75
CA THR A 201 -10.45 23.17 5.98
C THR A 201 -11.92 23.46 6.21
N PHE A 202 -12.70 22.39 6.42
CA PHE A 202 -14.12 22.50 6.65
C PHE A 202 -14.50 21.68 7.87
N LYS A 203 -15.02 22.35 8.89
CA LYS A 203 -15.47 21.71 10.13
C LYS A 203 -14.35 20.87 10.75
N ASP A 204 -13.21 21.53 11.00
CA ASP A 204 -12.04 20.96 11.64
C ASP A 204 -11.40 19.84 10.80
N LEU A 205 -11.89 19.60 9.60
CA LEU A 205 -11.37 18.60 8.69
C LEU A 205 -10.65 19.30 7.55
N HIS A 206 -9.42 18.85 7.25
CA HIS A 206 -8.60 19.46 6.21
C HIS A 206 -8.69 18.64 4.94
N PHE A 207 -9.06 19.28 3.83
CA PHE A 207 -9.21 18.63 2.55
C PHE A 207 -8.08 19.04 1.61
N LYS A 208 -7.69 18.13 0.73
CA LYS A 208 -6.75 18.42 -0.33
C LYS A 208 -7.39 18.01 -1.65
N MET A 209 -7.47 18.94 -2.59
CA MET A 209 -8.11 18.71 -3.87
C MET A 209 -7.04 18.74 -4.96
N PHE A 210 -6.96 17.67 -5.74
CA PHE A 210 -5.98 17.56 -6.81
C PHE A 210 -6.69 17.68 -8.16
N ASP A 211 -6.31 18.68 -8.94
CA ASP A 211 -6.90 18.95 -10.22
C ASP A 211 -5.91 18.53 -11.30
N VAL A 212 -6.30 17.55 -12.12
CA VAL A 212 -5.38 16.95 -13.09
C VAL A 212 -5.74 17.34 -14.52
N THR A 213 -6.32 18.53 -14.68
CA THR A 213 -6.71 18.99 -16.01
C THR A 213 -5.51 19.24 -16.90
N ALA A 214 -4.43 19.78 -16.34
CA ALA A 214 -3.27 20.15 -17.14
C ALA A 214 -2.45 18.94 -17.58
N GLN A 215 -2.79 17.74 -17.10
CA GLN A 215 -2.08 16.53 -17.50
C GLN A 215 -2.75 15.99 -18.76
N ARG A 216 -2.25 16.42 -19.92
CA ARG A 216 -2.76 15.99 -21.20
C ARG A 216 -2.10 14.71 -21.69
N SER A 217 -1.17 14.15 -20.93
CA SER A 217 -0.48 12.93 -21.31
C SER A 217 -1.40 11.73 -21.10
N GLU A 218 -0.88 10.52 -21.29
CA GLU A 218 -1.72 9.34 -21.17
C GLU A 218 -2.04 9.06 -19.72
N ARG A 219 -3.33 8.89 -19.42
CA ARG A 219 -3.77 8.79 -18.03
C ARG A 219 -3.38 7.47 -17.41
N LYS A 220 -3.30 6.40 -18.19
CA LYS A 220 -2.99 5.08 -17.63
C LYS A 220 -1.58 5.01 -17.07
N LYS A 221 -0.72 5.98 -17.39
CA LYS A 221 0.66 5.96 -16.92
C LYS A 221 0.87 6.69 -15.61
N TRP A 222 -0.13 7.41 -15.11
CA TRP A 222 0.01 8.09 -13.83
C TRP A 222 -1.24 8.06 -12.96
N ILE A 223 -2.30 7.37 -13.38
CA ILE A 223 -3.54 7.38 -12.59
C ILE A 223 -3.41 6.53 -11.33
N HIS A 224 -2.47 5.59 -11.30
CA HIS A 224 -2.26 4.78 -10.10
C HIS A 224 -1.65 5.58 -8.96
N CYS A 225 -1.12 6.78 -9.24
CA CYS A 225 -0.58 7.61 -8.18
C CYS A 225 -1.68 8.05 -7.23
N PHE A 226 -2.92 8.11 -7.69
CA PHE A 226 -4.04 8.54 -6.89
C PHE A 226 -4.79 7.37 -6.26
N GLU A 227 -4.30 6.14 -6.43
CA GLU A 227 -4.87 5.01 -5.73
C GLU A 227 -4.69 5.21 -4.23
N GLY A 228 -5.80 5.42 -3.52
CA GLY A 228 -5.74 5.74 -2.11
C GLY A 228 -6.33 7.08 -1.73
N VAL A 229 -6.80 7.87 -2.69
CA VAL A 229 -7.51 9.10 -2.35
C VAL A 229 -8.80 8.74 -1.62
N THR A 230 -9.26 9.65 -0.77
CA THR A 230 -10.47 9.39 -0.01
C THR A 230 -11.68 9.23 -0.93
N ALA A 231 -11.80 10.08 -1.94
CA ALA A 231 -12.91 10.03 -2.87
C ALA A 231 -12.51 10.72 -4.16
N ILE A 232 -13.37 10.60 -5.16
CA ILE A 232 -13.19 11.25 -6.44
C ILE A 232 -14.39 12.16 -6.67
N ILE A 233 -14.14 13.42 -6.99
CA ILE A 233 -15.19 14.35 -7.34
C ILE A 233 -15.23 14.41 -8.86
N PHE A 234 -16.22 13.76 -9.45
CA PHE A 234 -16.45 13.82 -10.88
C PHE A 234 -17.47 14.91 -11.17
N CYS A 235 -17.18 15.76 -12.13
CA CYS A 235 -18.04 16.89 -12.46
C CYS A 235 -18.62 16.71 -13.85
N VAL A 236 -19.94 16.78 -13.94
CA VAL A 236 -20.67 16.60 -15.19
C VAL A 236 -21.52 17.85 -15.43
N ALA A 237 -21.44 18.39 -16.63
CA ALA A 237 -22.28 19.53 -17.00
C ALA A 237 -23.60 19.00 -17.51
N LEU A 238 -24.68 19.28 -16.78
CA LEU A 238 -26.00 18.80 -17.17
C LEU A 238 -26.40 19.37 -18.52
N SER A 239 -26.11 20.65 -18.74
CA SER A 239 -26.51 21.31 -19.98
C SER A 239 -25.48 21.05 -21.09
N ASP A 240 -25.13 19.78 -21.28
CA ASP A 240 -24.24 19.36 -22.35
C ASP A 240 -24.81 18.21 -23.17
N TYR A 241 -26.06 17.84 -22.93
CA TYR A 241 -26.64 16.71 -23.63
C TYR A 241 -26.80 17.00 -25.12
N ASP A 242 -27.18 18.22 -25.47
CA ASP A 242 -27.34 18.60 -26.86
C ASP A 242 -26.09 19.24 -27.45
N LEU A 243 -25.04 19.42 -26.67
CA LEU A 243 -23.79 19.97 -27.17
C LEU A 243 -22.91 18.85 -27.72
N VAL A 244 -21.96 19.23 -28.57
CA VAL A 244 -21.07 18.28 -29.23
C VAL A 244 -19.63 18.73 -29.05
N LEU A 245 -18.71 17.77 -29.19
CA LEU A 245 -17.30 18.09 -29.09
C LEU A 245 -16.84 18.92 -30.27
N ALA A 246 -15.92 19.86 -30.01
CA ALA A 246 -15.29 20.59 -31.10
C ALA A 246 -14.30 19.72 -31.86
N GLU A 247 -13.69 18.75 -31.17
CA GLU A 247 -12.76 17.84 -31.83
C GLU A 247 -13.48 16.89 -32.77
N ASP A 248 -14.58 16.30 -32.32
CA ASP A 248 -15.39 15.39 -33.11
C ASP A 248 -16.82 15.91 -33.14
N GLU A 249 -17.30 16.26 -34.33
CA GLU A 249 -18.64 16.84 -34.44
C GLU A 249 -19.72 15.81 -34.18
N GLU A 250 -19.49 14.56 -34.55
CA GLU A 250 -20.48 13.50 -34.38
C GLU A 250 -20.46 12.88 -32.99
N MET A 251 -19.55 13.31 -32.12
CA MET A 251 -19.46 12.78 -30.77
C MET A 251 -20.20 13.70 -29.81
N ASN A 252 -21.15 13.14 -29.06
CA ASN A 252 -21.90 13.92 -28.09
C ASN A 252 -21.03 14.25 -26.90
N ARG A 253 -21.17 15.49 -26.40
CA ARG A 253 -20.40 15.92 -25.24
C ARG A 253 -20.79 15.12 -24.00
N MET A 254 -22.09 14.94 -23.78
CA MET A 254 -22.56 14.20 -22.62
C MET A 254 -22.21 12.72 -22.73
N HIS A 255 -22.22 12.17 -23.95
CA HIS A 255 -21.78 10.79 -24.14
C HIS A 255 -20.31 10.62 -23.81
N ALA A 256 -19.48 11.60 -24.19
CA ALA A 256 -18.07 11.54 -23.83
C ALA A 256 -17.90 11.63 -22.32
N SER A 257 -18.68 12.48 -21.66
CA SER A 257 -18.62 12.56 -20.20
C SER A 257 -19.02 11.25 -19.54
N MET A 258 -20.08 10.62 -20.05
CA MET A 258 -20.51 9.32 -19.52
C MET A 258 -19.44 8.27 -19.74
N LYS A 259 -18.79 8.29 -20.90
CA LYS A 259 -17.74 7.33 -21.18
C LYS A 259 -16.57 7.52 -20.23
N LEU A 260 -16.21 8.77 -19.94
CA LEU A 260 -15.14 9.02 -18.98
C LEU A 260 -15.51 8.55 -17.58
N PHE A 261 -16.74 8.83 -17.15
CA PHE A 261 -17.19 8.38 -15.84
C PHE A 261 -17.16 6.86 -15.74
N ASP A 262 -17.64 6.18 -16.78
CA ASP A 262 -17.61 4.72 -16.80
C ASP A 262 -16.17 4.20 -16.77
N SER A 263 -15.28 4.84 -17.54
CA SER A 263 -13.90 4.36 -17.62
C SER A 263 -13.18 4.50 -16.28
N ILE A 264 -13.41 5.59 -15.56
CA ILE A 264 -12.68 5.75 -14.31
C ILE A 264 -13.36 5.00 -13.16
N CYS A 265 -14.68 4.84 -13.21
CA CYS A 265 -15.36 4.14 -12.13
C CYS A 265 -14.94 2.68 -12.06
N ASN A 266 -14.75 2.06 -13.22
CA ASN A 266 -14.39 0.65 -13.32
C ASN A 266 -12.90 0.42 -13.49
N ASN A 267 -12.09 1.46 -13.32
CA ASN A 267 -10.65 1.30 -13.35
C ASN A 267 -10.20 0.41 -12.20
N LYS A 268 -9.16 -0.38 -12.45
CA LYS A 268 -8.74 -1.36 -11.44
C LYS A 268 -8.19 -0.69 -10.19
N TRP A 269 -7.71 0.55 -10.29
CA TRP A 269 -7.21 1.25 -9.11
C TRP A 269 -8.34 1.75 -8.23
N PHE A 270 -9.42 2.23 -8.84
CA PHE A 270 -10.55 2.79 -8.11
C PHE A 270 -11.67 1.76 -7.98
N THR A 271 -11.38 0.69 -7.25
CA THR A 271 -12.42 -0.30 -6.94
C THR A 271 -13.09 0.01 -5.62
N ASP A 272 -12.32 0.36 -4.60
CA ASP A 272 -12.84 0.72 -3.29
C ASP A 272 -13.01 2.22 -3.11
N THR A 273 -12.64 3.02 -4.10
CA THR A 273 -12.68 4.48 -3.98
C THR A 273 -14.03 4.99 -4.45
N SER A 274 -14.79 5.58 -3.53
CA SER A 274 -16.10 6.12 -3.87
C SER A 274 -15.95 7.35 -4.75
N ILE A 275 -17.03 7.69 -5.44
CA ILE A 275 -17.08 8.81 -6.38
C ILE A 275 -18.18 9.76 -5.94
N ILE A 276 -17.84 11.04 -5.82
CA ILE A 276 -18.82 12.08 -5.58
C ILE A 276 -19.16 12.68 -6.94
N LEU A 277 -20.44 12.66 -7.30
CA LEU A 277 -20.88 13.11 -8.61
C LEU A 277 -21.51 14.49 -8.48
N PHE A 278 -21.02 15.44 -9.27
CA PHE A 278 -21.55 16.80 -9.29
C PHE A 278 -22.15 17.05 -10.66
N LEU A 279 -23.41 17.44 -10.68
CA LEU A 279 -24.12 17.78 -11.90
C LEU A 279 -24.31 19.29 -11.93
N ASN A 280 -23.62 19.95 -12.84
CA ASN A 280 -23.56 21.41 -12.86
C ASN A 280 -24.62 22.00 -13.79
N LYS A 281 -24.75 23.32 -13.71
CA LYS A 281 -25.65 24.09 -14.58
C LYS A 281 -27.07 23.56 -14.52
N LYS A 282 -27.54 23.24 -13.31
CA LYS A 282 -28.89 22.70 -13.17
C LYS A 282 -29.93 23.72 -13.60
N ASP A 283 -29.70 25.01 -13.32
CA ASP A 283 -30.63 26.04 -13.76
C ASP A 283 -30.58 26.25 -15.26
N LEU A 284 -29.37 26.27 -15.83
CA LEU A 284 -29.26 26.38 -17.29
C LEU A 284 -29.83 25.16 -17.97
N PHE A 285 -29.63 23.98 -17.39
CA PHE A 285 -30.24 22.76 -17.94
C PHE A 285 -31.76 22.83 -17.88
N GLU A 286 -32.30 23.34 -16.77
CA GLU A 286 -33.74 23.49 -16.66
C GLU A 286 -34.28 24.46 -17.71
N GLU A 287 -33.57 25.56 -17.92
CA GLU A 287 -33.99 26.51 -18.96
C GLU A 287 -33.92 25.88 -20.35
N LYS A 288 -32.87 25.12 -20.62
CA LYS A 288 -32.63 24.56 -21.95
C LYS A 288 -33.54 23.38 -22.26
N ILE A 289 -34.01 22.65 -21.25
CA ILE A 289 -34.81 21.47 -21.51
C ILE A 289 -36.15 21.79 -22.16
N LYS A 290 -36.65 23.02 -22.03
CA LYS A 290 -37.93 23.37 -22.64
C LYS A 290 -37.83 23.39 -24.16
N LYS A 291 -36.92 24.21 -24.68
CA LYS A 291 -36.74 24.34 -26.13
C LYS A 291 -36.25 23.06 -26.80
N SER A 292 -35.37 22.32 -26.16
CA SER A 292 -34.83 21.13 -26.81
C SER A 292 -35.15 19.85 -26.05
N PRO A 293 -35.58 18.80 -26.74
CA PRO A 293 -35.90 17.54 -26.06
C PRO A 293 -34.63 16.81 -25.63
N LEU A 294 -34.74 16.05 -24.54
CA LEU A 294 -33.59 15.27 -24.08
C LEU A 294 -33.60 13.95 -24.83
N THR A 295 -33.20 14.03 -26.11
CA THR A 295 -33.10 12.86 -26.97
C THR A 295 -31.85 12.89 -27.82
N ILE A 296 -31.13 14.01 -27.89
CA ILE A 296 -29.87 14.06 -28.64
C ILE A 296 -28.85 13.13 -27.99
N CYS A 297 -29.01 12.89 -26.70
CA CYS A 297 -28.15 12.01 -25.92
C CYS A 297 -28.83 10.68 -25.61
N TYR A 298 -30.09 10.70 -25.21
CA TYR A 298 -30.84 9.50 -24.82
C TYR A 298 -32.05 9.37 -25.71
N PRO A 299 -31.92 8.70 -26.86
CA PRO A 299 -33.11 8.42 -27.69
C PRO A 299 -34.12 7.53 -27.00
N GLU A 300 -33.70 6.74 -26.01
CA GLU A 300 -34.57 5.83 -25.29
C GLU A 300 -35.25 6.49 -24.10
N TYR A 301 -35.06 7.79 -23.90
CA TYR A 301 -35.69 8.49 -22.80
C TYR A 301 -37.19 8.54 -23.04
N ALA A 302 -37.92 7.70 -22.30
CA ALA A 302 -39.39 7.67 -22.37
C ALA A 302 -39.92 8.43 -21.17
N GLY A 303 -39.86 9.75 -21.26
CA GLY A 303 -40.31 10.58 -20.15
C GLY A 303 -40.59 11.99 -20.62
N SER A 304 -41.30 12.73 -19.77
CA SER A 304 -41.65 14.10 -20.10
C SER A 304 -40.44 15.01 -20.03
N ASN A 305 -40.54 16.15 -20.73
CA ASN A 305 -39.47 17.14 -20.72
C ASN A 305 -39.68 18.09 -19.53
N THR A 306 -39.55 17.51 -18.35
CA THR A 306 -39.62 18.23 -17.09
C THR A 306 -38.25 18.13 -16.42
N TYR A 307 -37.85 19.19 -15.72
CA TYR A 307 -36.51 19.21 -15.13
C TYR A 307 -36.33 18.06 -14.15
N GLU A 308 -37.32 17.82 -13.29
CA GLU A 308 -37.16 16.82 -12.25
C GLU A 308 -36.95 15.42 -12.84
N GLU A 309 -37.85 15.01 -13.75
CA GLU A 309 -37.77 13.65 -14.28
C GLU A 309 -36.54 13.47 -15.16
N ALA A 310 -36.22 14.46 -16.00
CA ALA A 310 -35.04 14.35 -16.85
C ALA A 310 -33.76 14.32 -16.03
N ALA A 311 -33.69 15.14 -14.98
CA ALA A 311 -32.51 15.14 -14.12
C ALA A 311 -32.35 13.81 -13.40
N ALA A 312 -33.47 13.27 -12.88
CA ALA A 312 -33.40 11.97 -12.23
C ALA A 312 -32.98 10.88 -13.22
N TYR A 313 -33.48 10.96 -14.45
CA TYR A 313 -33.09 10.01 -15.48
C TYR A 313 -31.60 10.09 -15.78
N ILE A 314 -31.06 11.30 -15.89
CA ILE A 314 -29.63 11.47 -16.14
C ILE A 314 -28.82 10.92 -14.98
N GLN A 315 -29.24 11.21 -13.75
CA GLN A 315 -28.53 10.69 -12.59
C GLN A 315 -28.53 9.17 -12.58
N CYS A 316 -29.67 8.56 -12.90
CA CYS A 316 -29.75 7.10 -12.96
C CYS A 316 -28.87 6.54 -14.07
N GLN A 317 -28.80 7.23 -15.21
CA GLN A 317 -27.93 6.78 -16.30
C GLN A 317 -26.47 6.79 -15.86
N PHE A 318 -26.05 7.82 -15.15
CA PHE A 318 -24.68 7.85 -14.64
C PHE A 318 -24.46 6.77 -13.58
N GLU A 319 -25.43 6.56 -12.69
CA GLU A 319 -25.26 5.60 -11.63
C GLU A 319 -25.33 4.15 -12.12
N ASP A 320 -25.89 3.92 -13.30
CA ASP A 320 -25.96 2.57 -13.86
C ASP A 320 -24.63 2.10 -14.45
N LEU A 321 -23.64 2.98 -14.54
CA LEU A 321 -22.33 2.63 -15.07
C LEU A 321 -21.42 2.02 -14.03
N ASN A 322 -21.88 1.89 -12.79
CA ASN A 322 -21.09 1.31 -11.70
C ASN A 322 -21.21 -0.20 -11.77
N LYS A 323 -20.19 -0.86 -12.32
CA LYS A 323 -20.22 -2.33 -12.40
C LYS A 323 -20.17 -2.95 -11.02
N ARG A 324 -19.32 -2.44 -10.14
CA ARG A 324 -19.11 -2.99 -8.81
C ARG A 324 -19.91 -2.16 -7.79
N LYS A 325 -21.19 -2.52 -7.66
CA LYS A 325 -22.10 -1.77 -6.82
C LYS A 325 -21.88 -2.01 -5.34
N ASP A 326 -21.24 -3.12 -4.96
CA ASP A 326 -21.20 -3.53 -3.56
C ASP A 326 -19.96 -3.06 -2.82
N THR A 327 -18.92 -2.63 -3.51
CA THR A 327 -17.69 -2.22 -2.83
C THR A 327 -17.42 -0.73 -2.93
N LYS A 328 -18.16 0.02 -3.76
CA LYS A 328 -18.01 1.46 -3.83
C LYS A 328 -19.36 2.10 -4.04
N GLU A 329 -19.46 3.36 -3.65
CA GLU A 329 -20.70 4.11 -3.71
C GLU A 329 -20.51 5.37 -4.56
N ILE A 330 -21.60 5.86 -5.11
CA ILE A 330 -21.61 7.08 -5.89
C ILE A 330 -22.58 8.06 -5.24
N TYR A 331 -22.07 9.20 -4.80
CA TYR A 331 -22.87 10.24 -4.19
C TYR A 331 -23.13 11.32 -5.24
N THR A 332 -24.40 11.63 -5.46
CA THR A 332 -24.80 12.58 -6.50
C THR A 332 -25.38 13.83 -5.86
N HIS A 333 -24.95 14.98 -6.35
CA HIS A 333 -25.43 16.27 -5.87
C HIS A 333 -25.64 17.19 -7.07
N PHE A 334 -26.75 17.92 -7.06
CA PHE A 334 -27.01 18.94 -8.08
C PHE A 334 -26.45 20.24 -7.52
N THR A 335 -25.27 20.62 -8.01
CA THR A 335 -24.58 21.80 -7.48
C THR A 335 -25.44 23.03 -7.66
N CYS A 336 -25.56 23.80 -6.59
CA CYS A 336 -26.42 24.97 -6.54
C CYS A 336 -25.59 26.24 -6.45
N SER A 337 -26.29 27.38 -6.45
CA SER A 337 -25.60 28.67 -6.46
C SER A 337 -24.78 28.88 -5.19
N THR A 338 -25.35 28.55 -4.04
CA THR A 338 -24.63 28.73 -2.78
C THR A 338 -23.48 27.74 -2.69
N ASP A 339 -22.31 28.23 -2.28
CA ASP A 339 -21.11 27.41 -2.23
C ASP A 339 -20.89 26.75 -0.88
N THR A 340 -21.71 27.06 0.12
CA THR A 340 -21.59 26.40 1.42
C THR A 340 -22.40 25.12 1.50
N LYS A 341 -23.19 24.81 0.47
CA LYS A 341 -23.95 23.58 0.41
C LYS A 341 -23.23 22.48 -0.38
N ASN A 342 -22.48 22.85 -1.42
CA ASN A 342 -21.67 21.88 -2.13
C ASN A 342 -20.56 21.33 -1.23
N VAL A 343 -19.88 22.20 -0.50
CA VAL A 343 -18.83 21.76 0.40
C VAL A 343 -19.42 20.96 1.56
N GLN A 344 -20.64 21.32 2.00
CA GLN A 344 -21.31 20.51 3.02
C GLN A 344 -21.61 19.11 2.50
N PHE A 345 -22.05 19.00 1.25
CA PHE A 345 -22.29 17.69 0.66
C PHE A 345 -21.00 16.89 0.56
N VAL A 346 -19.91 17.54 0.14
CA VAL A 346 -18.63 16.84 0.04
C VAL A 346 -18.19 16.37 1.42
N PHE A 347 -18.39 17.21 2.44
CA PHE A 347 -18.03 16.83 3.81
C PHE A 347 -18.83 15.63 4.27
N ASP A 348 -20.14 15.61 4.01
CA ASP A 348 -20.97 14.48 4.41
C ASP A 348 -20.59 13.20 3.67
N ALA A 349 -20.33 13.31 2.36
CA ALA A 349 -19.94 12.13 1.59
C ALA A 349 -18.61 11.58 2.06
N VAL A 350 -17.65 12.46 2.33
CA VAL A 350 -16.35 12.01 2.83
C VAL A 350 -16.49 11.42 4.21
N THR A 351 -17.39 11.97 5.04
CA THR A 351 -17.64 11.40 6.36
C THR A 351 -18.19 9.98 6.24
N ASP A 352 -19.12 9.75 5.32
CA ASP A 352 -19.63 8.41 5.08
C ASP A 352 -18.53 7.48 4.59
N VAL A 353 -17.69 7.96 3.67
CA VAL A 353 -16.58 7.16 3.16
C VAL A 353 -15.62 6.80 4.27
N ILE A 354 -15.33 7.75 5.16
CA ILE A 354 -14.41 7.51 6.26
C ILE A 354 -15.01 6.52 7.25
N ILE A 355 -16.32 6.60 7.49
CA ILE A 355 -16.98 5.65 8.37
C ILE A 355 -16.87 4.24 7.80
N LYS A 356 -17.10 4.09 6.49
CA LYS A 356 -16.98 2.76 5.88
C LYS A 356 -15.55 2.25 5.90
N ASN A 357 -14.57 3.14 5.65
CA ASN A 357 -13.17 2.73 5.74
C ASN A 357 -12.80 2.30 7.14
N ASN A 358 -13.33 2.99 8.15
CA ASN A 358 -13.09 2.61 9.54
C ASN A 358 -13.75 1.28 9.86
N LEU A 359 -14.95 1.06 9.32
CA LEU A 359 -15.60 -0.24 9.51
C LEU A 359 -14.74 -1.36 8.95
N LYS A 360 -14.15 -1.15 7.78
CA LYS A 360 -13.24 -2.16 7.24
C LYS A 360 -11.98 -2.29 8.08
N ASP A 361 -11.43 -1.16 8.56
CA ASP A 361 -10.21 -1.19 9.35
C ASP A 361 -10.44 -1.85 10.70
N CYS A 362 -11.54 -1.52 11.37
CA CYS A 362 -11.83 -2.03 12.70
C CYS A 362 -12.22 -3.50 12.69
N GLY A 363 -12.25 -4.14 11.54
CA GLY A 363 -12.60 -5.55 11.47
C GLY A 363 -14.08 -5.84 11.59
N LEU A 364 -14.93 -4.80 11.61
CA LEU A 364 -16.36 -5.02 11.76
C LEU A 364 -16.99 -5.67 10.54
N PHE A 365 -16.27 -5.76 9.42
CA PHE A 365 -16.73 -6.54 8.29
C PHE A 365 -15.55 -6.94 7.41
N GLN B 16 3.00 11.64 -50.85
CA GLN B 16 4.29 11.88 -51.47
C GLN B 16 5.43 11.53 -50.52
N LEU B 17 5.45 12.20 -49.35
CA LEU B 17 6.50 11.93 -48.37
C LEU B 17 6.27 10.60 -47.65
N ARG B 18 5.02 10.15 -47.57
CA ARG B 18 4.74 8.88 -46.92
C ARG B 18 5.40 7.72 -47.65
N GLN B 19 5.35 7.74 -48.98
CA GLN B 19 5.99 6.67 -49.77
C GLN B 19 7.50 6.67 -49.55
N GLU B 20 8.12 7.85 -49.52
CA GLU B 20 9.55 7.93 -49.28
C GLU B 20 9.91 7.43 -47.88
N ALA B 21 9.10 7.78 -46.89
CA ALA B 21 9.33 7.29 -45.54
C ALA B 21 9.22 5.76 -45.48
N GLU B 22 8.22 5.20 -46.17
CA GLU B 22 8.06 3.75 -46.19
C GLU B 22 9.25 3.08 -46.88
N GLN B 23 9.73 3.67 -47.98
CA GLN B 23 10.88 3.12 -48.68
C GLN B 23 12.13 3.17 -47.80
N LEU B 24 12.33 4.28 -47.09
CA LEU B 24 13.47 4.38 -46.18
C LEU B 24 13.37 3.36 -45.05
N LYS B 25 12.17 3.17 -44.51
CA LYS B 25 11.98 2.17 -43.47
C LYS B 25 12.27 0.77 -43.97
N ASN B 26 11.83 0.46 -45.20
CA ASN B 26 12.10 -0.85 -45.78
C ASN B 26 13.60 -1.05 -46.00
N GLN B 27 14.29 -0.01 -46.48
CA GLN B 27 15.74 -0.11 -46.67
C GLN B 27 16.45 -0.32 -45.34
N ILE B 28 16.02 0.39 -44.29
CA ILE B 28 16.61 0.23 -42.97
C ILE B 28 16.38 -1.18 -42.46
N ARG B 29 15.17 -1.71 -42.63
CA ARG B 29 14.88 -3.06 -42.19
C ARG B 29 15.73 -4.09 -42.95
N ASP B 30 15.90 -3.89 -44.26
CA ASP B 30 16.75 -4.79 -45.04
C ASP B 30 18.19 -4.74 -44.58
N ALA B 31 18.70 -3.53 -44.31
CA ALA B 31 20.07 -3.40 -43.82
C ALA B 31 20.24 -4.07 -42.47
N ARG B 32 19.26 -3.92 -41.58
CA ARG B 32 19.31 -4.59 -40.28
C ARG B 32 19.30 -6.10 -40.45
N LYS B 33 18.44 -6.61 -41.35
CA LYS B 33 18.36 -8.05 -41.55
C LYS B 33 19.64 -8.61 -42.17
N ALA B 34 20.31 -7.83 -43.02
CA ALA B 34 21.54 -8.31 -43.64
C ALA B 34 22.62 -8.57 -42.60
N CYS B 35 22.74 -7.68 -41.61
CA CYS B 35 23.77 -7.83 -40.58
C CYS B 35 23.49 -9.01 -39.65
N ALA B 36 22.24 -9.48 -39.58
CA ALA B 36 21.87 -10.58 -38.69
C ALA B 36 22.42 -11.89 -39.28
N ASP B 37 23.69 -12.14 -39.01
CA ASP B 37 24.32 -13.37 -39.48
C ASP B 37 24.00 -14.55 -38.57
N ALA B 38 24.41 -14.46 -37.30
CA ALA B 38 24.13 -15.48 -36.31
C ALA B 38 23.61 -14.82 -35.04
N THR B 39 22.57 -15.41 -34.46
CA THR B 39 21.95 -14.84 -33.28
C THR B 39 22.85 -15.01 -32.06
N LEU B 40 22.61 -14.18 -31.05
CA LEU B 40 23.34 -14.28 -29.79
C LEU B 40 23.05 -15.61 -29.11
N SER B 41 21.81 -16.07 -29.17
CA SER B 41 21.46 -17.36 -28.57
C SER B 41 22.17 -18.51 -29.26
N GLN B 42 22.41 -18.39 -30.56
CA GLN B 42 23.09 -19.46 -31.28
C GLN B 42 24.52 -19.64 -30.79
N ILE B 43 25.21 -18.55 -30.50
CA ILE B 43 26.63 -18.61 -30.14
C ILE B 43 26.86 -18.55 -28.63
N THR B 44 25.81 -18.40 -27.83
CA THR B 44 25.96 -18.40 -26.39
C THR B 44 25.79 -19.79 -25.79
N ASN B 45 25.51 -20.81 -26.60
CA ASN B 45 25.33 -22.17 -26.06
C ASN B 45 26.64 -22.72 -25.50
N ASN B 46 27.77 -22.24 -26.00
CA ASN B 46 29.06 -22.80 -25.57
C ASN B 46 29.35 -22.49 -24.11
N ILE B 47 29.05 -21.26 -23.67
CA ILE B 47 29.41 -20.85 -22.32
C ILE B 47 28.52 -21.56 -21.29
N ASP B 48 29.09 -21.82 -20.12
CA ASP B 48 28.36 -22.51 -19.07
C ASP B 48 27.28 -21.59 -18.49
N PRO B 49 26.09 -22.13 -18.22
CA PRO B 49 25.02 -21.30 -17.64
C PRO B 49 25.40 -20.82 -16.24
N VAL B 50 24.88 -19.64 -15.89
CA VAL B 50 25.07 -19.10 -14.55
C VAL B 50 24.24 -19.92 -13.58
N GLY B 51 24.86 -20.31 -12.47
CA GLY B 51 24.16 -21.10 -11.48
C GLY B 51 23.03 -20.34 -10.84
N ARG B 52 22.24 -21.06 -10.05
CA ARG B 52 21.08 -20.46 -9.41
C ARG B 52 21.52 -19.33 -8.49
N ILE B 53 21.24 -18.10 -8.88
CA ILE B 53 21.69 -16.93 -8.12
C ILE B 53 20.73 -16.72 -6.96
N GLN B 54 21.22 -16.89 -5.74
CA GLN B 54 20.43 -16.72 -4.53
C GLN B 54 20.93 -15.49 -3.79
N MET B 55 20.12 -14.44 -3.78
CA MET B 55 20.36 -13.27 -2.96
C MET B 55 19.29 -13.21 -1.89
N ARG B 56 19.69 -12.82 -0.69
CA ARG B 56 18.75 -12.67 0.42
C ARG B 56 18.84 -11.26 0.97
N THR B 57 17.70 -10.75 1.42
CA THR B 57 17.64 -9.37 1.89
C THR B 57 18.54 -9.19 3.10
N ARG B 58 19.49 -8.26 2.97
CA ARG B 58 20.39 -7.90 4.05
C ARG B 58 19.80 -6.83 4.94
N ARG B 59 19.38 -5.71 4.35
CA ARG B 59 18.81 -4.59 5.07
C ARG B 59 17.43 -4.27 4.51
N THR B 60 16.50 -3.99 5.40
CA THR B 60 15.17 -3.53 5.00
C THR B 60 15.03 -2.09 5.48
N LEU B 61 15.08 -1.15 4.55
CA LEU B 61 15.02 0.26 4.86
C LEU B 61 13.57 0.65 5.08
N ARG B 62 13.20 0.92 6.33
CA ARG B 62 11.85 1.25 6.71
C ARG B 62 11.77 2.74 7.06
N GLY B 63 10.59 3.32 6.82
CA GLY B 63 10.39 4.73 7.11
C GLY B 63 9.50 5.43 6.13
N HIS B 64 9.37 4.88 4.93
CA HIS B 64 8.42 5.40 3.95
C HIS B 64 7.02 4.92 4.31
N LEU B 65 6.05 5.83 4.20
CA LEU B 65 4.68 5.51 4.57
C LEU B 65 3.73 5.51 3.38
N ALA B 66 4.27 5.45 2.17
CA ALA B 66 3.47 5.38 0.96
C ALA B 66 4.27 4.62 -0.09
N LYS B 67 3.69 4.46 -1.28
CA LYS B 67 4.36 3.76 -2.36
C LYS B 67 5.69 4.43 -2.67
N ILE B 68 6.72 3.62 -2.86
CA ILE B 68 8.02 4.11 -3.29
C ILE B 68 8.07 4.01 -4.81
N TYR B 69 8.37 5.13 -5.47
CA TYR B 69 8.32 5.17 -6.92
C TYR B 69 9.68 5.18 -7.59
N ALA B 70 10.74 5.52 -6.87
CA ALA B 70 12.07 5.54 -7.47
C ALA B 70 13.12 5.45 -6.39
N MET B 71 14.31 5.06 -6.80
CA MET B 71 15.49 5.13 -5.94
C MET B 71 16.70 5.28 -6.84
N HIS B 72 17.79 5.76 -6.25
CA HIS B 72 19.05 5.87 -6.99
C HIS B 72 20.19 5.73 -6.02
N TRP B 73 21.14 4.87 -6.35
CA TRP B 73 22.32 4.68 -5.53
C TRP B 73 23.27 5.85 -5.67
N GLY B 74 24.15 6.00 -4.68
CA GLY B 74 25.23 6.94 -4.78
C GLY B 74 26.43 6.34 -5.49
N THR B 75 27.32 7.21 -5.93
CA THR B 75 28.56 6.74 -6.55
C THR B 75 29.45 6.02 -5.54
N ASP B 76 29.39 6.41 -4.27
CA ASP B 76 30.17 5.73 -3.24
C ASP B 76 29.59 4.36 -2.91
N SER B 77 28.44 4.00 -3.45
CA SER B 77 27.80 2.70 -3.28
C SER B 77 27.36 2.45 -1.84
N ARG B 78 27.22 3.49 -1.05
CA ARG B 78 26.77 3.37 0.33
C ARG B 78 25.49 4.14 0.60
N LEU B 79 25.36 5.35 0.06
CA LEU B 79 24.18 6.18 0.25
C LEU B 79 23.27 6.06 -0.95
N LEU B 80 21.97 5.92 -0.69
CA LEU B 80 20.97 5.91 -1.73
C LEU B 80 19.83 6.83 -1.36
N VAL B 81 19.20 7.41 -2.37
CA VAL B 81 18.05 8.29 -2.20
C VAL B 81 16.82 7.56 -2.71
N SER B 82 15.74 7.64 -1.95
CA SER B 82 14.48 7.00 -2.32
C SER B 82 13.37 8.03 -2.29
N ALA B 83 12.50 7.98 -3.29
CA ALA B 83 11.38 8.89 -3.40
C ALA B 83 10.07 8.12 -3.22
N SER B 84 9.13 8.70 -2.49
CA SER B 84 7.87 8.04 -2.22
C SER B 84 6.73 9.04 -2.33
N GLN B 85 5.52 8.50 -2.42
CA GLN B 85 4.32 9.32 -2.59
C GLN B 85 3.93 10.07 -1.33
N ASP B 86 4.57 9.80 -0.19
CA ASP B 86 4.26 10.51 1.04
C ASP B 86 4.92 11.88 1.11
N GLY B 87 5.59 12.31 0.04
CA GLY B 87 6.21 13.61 0.00
C GLY B 87 7.56 13.71 0.65
N LYS B 88 8.28 12.59 0.79
CA LYS B 88 9.58 12.57 1.42
C LYS B 88 10.61 12.00 0.46
N LEU B 89 11.79 12.62 0.47
CA LEU B 89 12.96 12.16 -0.29
C LEU B 89 14.02 11.81 0.76
N ILE B 90 14.24 10.52 0.99
CA ILE B 90 15.07 10.06 2.10
C ILE B 90 16.38 9.55 1.55
N ILE B 91 17.49 10.06 2.08
CA ILE B 91 18.82 9.54 1.80
C ILE B 91 19.19 8.59 2.94
N TRP B 92 19.41 7.33 2.60
CA TRP B 92 19.72 6.29 3.56
C TRP B 92 21.22 6.03 3.63
N ASP B 93 21.63 5.38 4.69
CA ASP B 93 22.97 4.82 4.84
C ASP B 93 22.77 3.30 4.81
N SER B 94 22.88 2.72 3.61
CA SER B 94 22.54 1.31 3.46
C SER B 94 23.43 0.40 4.30
N TYR B 95 24.65 0.83 4.60
CA TYR B 95 25.54 0.02 5.42
C TYR B 95 24.98 -0.15 6.83
N THR B 96 24.46 0.92 7.41
CA THR B 96 23.98 0.90 8.78
C THR B 96 22.49 1.10 8.92
N THR B 97 21.76 1.26 7.82
CA THR B 97 20.31 1.46 7.76
C THR B 97 19.93 2.83 8.34
N ASN B 98 20.89 3.63 8.76
CA ASN B 98 20.57 4.96 9.26
C ASN B 98 20.09 5.86 8.14
N LYS B 99 19.11 6.69 8.45
CA LYS B 99 18.64 7.70 7.50
C LYS B 99 19.53 8.92 7.65
N VAL B 100 20.14 9.37 6.54
CA VAL B 100 21.01 10.53 6.58
C VAL B 100 20.23 11.82 6.43
N HIS B 101 19.26 11.87 5.52
CA HIS B 101 18.43 13.04 5.29
C HIS B 101 16.99 12.59 5.08
N ALA B 102 16.07 13.54 5.22
CA ALA B 102 14.67 13.30 4.91
C ALA B 102 14.10 14.62 4.40
N ILE B 103 14.07 14.76 3.08
CA ILE B 103 13.75 16.02 2.43
C ILE B 103 12.25 16.09 2.20
N PRO B 104 11.54 17.08 2.75
CA PRO B 104 10.13 17.26 2.42
C PRO B 104 9.98 17.94 1.07
N LEU B 105 9.11 17.40 0.23
CA LEU B 105 8.95 17.87 -1.13
C LEU B 105 7.69 18.72 -1.27
N ARG B 106 7.76 19.69 -2.18
CA ARG B 106 6.61 20.57 -2.42
C ARG B 106 5.41 19.78 -2.92
N SER B 107 5.65 18.86 -3.86
CA SER B 107 4.60 18.04 -4.44
C SER B 107 4.88 16.59 -4.08
N SER B 108 3.88 15.91 -3.54
CA SER B 108 4.00 14.53 -3.11
C SER B 108 3.71 13.53 -4.22
N TRP B 109 3.87 13.93 -5.47
CA TRP B 109 3.55 13.11 -6.63
C TRP B 109 4.82 12.75 -7.40
N VAL B 110 5.86 12.38 -6.66
CA VAL B 110 7.16 12.11 -7.25
C VAL B 110 7.12 10.83 -8.06
N MET B 111 7.65 10.89 -9.26
CA MET B 111 7.77 9.72 -10.12
C MET B 111 9.20 9.30 -10.36
N THR B 112 10.18 10.12 -9.99
CA THR B 112 11.58 9.80 -10.22
C THR B 112 12.44 10.60 -9.26
N CYS B 113 13.66 10.10 -9.05
CA CYS B 113 14.66 10.79 -8.26
C CYS B 113 16.03 10.40 -8.78
N ALA B 114 17.00 11.28 -8.56
CA ALA B 114 18.37 11.06 -9.00
C ALA B 114 19.31 11.52 -7.91
N TYR B 115 20.51 10.98 -7.92
CA TYR B 115 21.52 11.34 -6.95
C TYR B 115 22.73 11.79 -7.75
N ALA B 116 23.27 12.97 -7.45
CA ALA B 116 24.36 13.50 -8.25
C ALA B 116 25.61 12.63 -8.09
N PRO B 117 26.40 12.45 -9.15
CA PRO B 117 27.62 11.64 -9.04
C PRO B 117 28.59 12.18 -8.01
N SER B 118 28.68 13.51 -7.88
CA SER B 118 29.51 14.11 -6.83
C SER B 118 28.92 13.88 -5.45
N GLY B 119 27.62 13.62 -5.36
CA GLY B 119 26.95 13.44 -4.09
C GLY B 119 26.50 14.71 -3.43
N ASN B 120 26.63 15.85 -4.09
CA ASN B 120 26.23 17.12 -3.51
C ASN B 120 24.77 17.44 -3.71
N TYR B 121 24.12 16.86 -4.72
CA TYR B 121 22.74 17.20 -5.04
C TYR B 121 21.91 15.94 -5.26
N VAL B 122 20.61 16.08 -5.09
CA VAL B 122 19.64 15.06 -5.45
C VAL B 122 18.55 15.74 -6.27
N ALA B 123 18.06 15.04 -7.28
CA ALA B 123 16.99 15.55 -8.12
C ALA B 123 15.67 14.91 -7.71
N CYS B 124 14.60 15.37 -8.34
CA CYS B 124 13.25 14.90 -8.03
C CYS B 124 12.36 15.31 -9.20
N GLY B 125 11.07 15.06 -9.06
CA GLY B 125 10.12 15.43 -10.09
C GLY B 125 9.00 14.42 -10.20
N GLY B 126 7.93 14.83 -10.88
CA GLY B 126 6.77 13.99 -11.04
C GLY B 126 5.63 14.70 -11.74
N LEU B 127 4.43 14.60 -11.19
CA LEU B 127 3.25 15.18 -11.80
C LEU B 127 3.25 16.70 -11.77
N ASP B 128 4.17 17.33 -11.06
CA ASP B 128 4.28 18.78 -11.03
C ASP B 128 5.02 19.34 -12.22
N ASN B 129 5.55 18.48 -13.09
CA ASN B 129 6.28 18.81 -14.31
C ASN B 129 7.58 19.54 -14.02
N ILE B 130 8.07 19.49 -12.79
CA ILE B 130 9.22 20.28 -12.36
C ILE B 130 10.28 19.35 -11.79
N CYS B 131 11.52 19.54 -12.23
CA CYS B 131 12.66 18.83 -11.66
C CYS B 131 13.31 19.75 -10.63
N SER B 132 13.35 19.29 -9.38
CA SER B 132 13.86 20.06 -8.26
C SER B 132 15.22 19.51 -7.85
N ILE B 133 16.19 20.39 -7.67
CA ILE B 133 17.53 20.03 -7.26
C ILE B 133 17.73 20.52 -5.83
N TYR B 134 18.20 19.63 -4.96
CA TYR B 134 18.39 19.92 -3.56
C TYR B 134 19.88 19.85 -3.22
N ASN B 135 20.38 20.88 -2.55
CA ASN B 135 21.79 20.93 -2.17
C ASN B 135 21.99 20.13 -0.89
N LEU B 136 22.62 18.97 -1.01
CA LEU B 136 22.82 18.12 0.16
C LEU B 136 23.87 18.69 1.10
N LYS B 137 24.87 19.37 0.58
CA LYS B 137 26.01 19.85 1.35
C LYS B 137 25.91 21.36 1.47
N THR B 138 25.38 21.83 2.59
CA THR B 138 25.23 23.25 2.86
C THR B 138 26.04 23.63 4.10
N ARG B 139 26.41 24.92 4.16
CA ARG B 139 27.20 25.41 5.28
C ARG B 139 26.45 25.29 6.60
N GLU B 140 25.14 25.59 6.59
CA GLU B 140 24.35 25.46 7.81
C GLU B 140 24.28 24.00 8.26
N GLY B 141 24.17 23.07 7.32
CA GLY B 141 24.05 21.65 7.63
C GLY B 141 22.73 21.05 7.23
N ASN B 142 21.78 21.83 6.74
CA ASN B 142 20.50 21.34 6.28
C ASN B 142 20.54 21.13 4.77
N VAL B 143 19.39 20.82 4.18
CA VAL B 143 19.25 20.61 2.75
C VAL B 143 18.23 21.61 2.23
N ARG B 144 18.57 22.30 1.14
CA ARG B 144 17.73 23.36 0.58
C ARG B 144 17.64 23.19 -0.92
N VAL B 145 16.52 23.65 -1.49
CA VAL B 145 16.28 23.55 -2.93
C VAL B 145 17.31 24.40 -3.66
N SER B 146 18.19 23.76 -4.41
CA SER B 146 19.17 24.49 -5.20
C SER B 146 18.50 25.24 -6.35
N ARG B 147 17.64 24.56 -7.10
CA ARG B 147 16.93 25.18 -8.20
C ARG B 147 15.80 24.25 -8.65
N GLU B 148 14.73 24.85 -9.15
CA GLU B 148 13.61 24.11 -9.74
C GLU B 148 13.59 24.39 -11.23
N LEU B 149 13.59 23.32 -12.04
CA LEU B 149 13.64 23.43 -13.48
C LEU B 149 12.23 23.27 -14.04
N ALA B 150 11.77 24.25 -14.79
CA ALA B 150 10.44 24.23 -15.38
C ALA B 150 10.54 24.44 -16.88
N GLY B 151 9.56 23.90 -17.60
CA GLY B 151 9.56 23.98 -19.05
C GLY B 151 8.99 22.74 -19.71
N HIS B 152 8.96 21.62 -18.99
CA HIS B 152 8.30 20.44 -19.49
C HIS B 152 6.79 20.61 -19.43
N THR B 153 6.09 20.02 -20.39
CA THR B 153 4.65 20.14 -20.47
C THR B 153 3.90 18.94 -19.89
N GLY B 154 4.46 17.74 -20.01
CA GLY B 154 3.89 16.56 -19.39
C GLY B 154 4.67 16.19 -18.14
N TYR B 155 4.17 15.16 -17.45
CA TYR B 155 4.80 14.72 -16.22
C TYR B 155 6.24 14.30 -16.47
N LEU B 156 7.09 14.57 -15.51
CA LEU B 156 8.51 14.26 -15.62
C LEU B 156 8.74 12.86 -15.03
N SER B 157 9.12 11.92 -15.88
CA SER B 157 9.19 10.52 -15.49
C SER B 157 10.59 10.04 -15.17
N CYS B 158 11.63 10.75 -15.60
CA CYS B 158 12.99 10.35 -15.28
C CYS B 158 13.90 11.57 -15.31
N CYS B 159 15.02 11.47 -14.60
CA CYS B 159 16.02 12.52 -14.58
C CYS B 159 17.33 11.91 -14.13
N ARG B 160 18.42 12.28 -14.80
CA ARG B 160 19.73 11.76 -14.47
C ARG B 160 20.75 12.89 -14.54
N PHE B 161 21.67 12.92 -13.58
CA PHE B 161 22.70 13.93 -13.53
C PHE B 161 23.85 13.56 -14.46
N LEU B 162 24.16 14.45 -15.41
CA LEU B 162 25.42 14.31 -16.13
C LEU B 162 26.59 14.69 -15.24
N ASP B 163 26.45 15.81 -14.52
CA ASP B 163 27.44 16.28 -13.56
C ASP B 163 26.73 17.21 -12.59
N ASP B 164 27.50 17.99 -11.84
CA ASP B 164 26.90 18.91 -10.87
C ASP B 164 26.10 20.03 -11.52
N ASN B 165 26.30 20.27 -12.82
CA ASN B 165 25.66 21.39 -13.49
C ASN B 165 24.70 21.01 -14.60
N GLN B 166 24.74 19.77 -15.08
CA GLN B 166 23.89 19.34 -16.18
C GLN B 166 23.03 18.17 -15.73
N ILE B 167 21.76 18.22 -16.07
CA ILE B 167 20.82 17.12 -15.77
C ILE B 167 19.92 16.94 -16.98
N VAL B 168 19.71 15.69 -17.37
CA VAL B 168 18.84 15.36 -18.49
C VAL B 168 17.56 14.74 -17.93
N THR B 169 16.42 15.22 -18.41
CA THR B 169 15.12 14.79 -17.92
C THR B 169 14.28 14.29 -19.09
N SER B 170 13.50 13.25 -18.84
CA SER B 170 12.51 12.75 -19.77
C SER B 170 11.13 13.02 -19.21
N SER B 171 10.19 13.41 -20.07
CA SER B 171 8.89 13.83 -19.61
C SER B 171 7.79 13.12 -20.40
N GLY B 172 6.56 13.29 -19.92
CA GLY B 172 5.38 12.75 -20.56
C GLY B 172 4.87 13.58 -21.71
N ASP B 173 5.53 14.68 -22.04
CA ASP B 173 5.21 15.46 -23.22
C ASP B 173 5.96 14.98 -24.45
N THR B 174 6.39 13.72 -24.45
CA THR B 174 7.06 13.03 -25.55
C THR B 174 8.43 13.61 -25.85
N THR B 175 8.98 14.47 -24.99
CA THR B 175 10.27 15.09 -25.23
C THR B 175 11.19 14.89 -24.03
N CYS B 176 12.49 14.83 -24.32
CA CYS B 176 13.54 14.84 -23.31
C CYS B 176 14.33 16.13 -23.45
N ALA B 177 14.79 16.67 -22.33
CA ALA B 177 15.48 17.94 -22.32
C ALA B 177 16.77 17.85 -21.53
N LEU B 178 17.77 18.61 -21.96
CA LEU B 178 19.03 18.76 -21.24
C LEU B 178 19.07 20.14 -20.62
N TRP B 179 19.40 20.20 -19.34
CA TRP B 179 19.30 21.42 -18.55
C TRP B 179 20.67 21.90 -18.09
N ASP B 180 20.76 23.20 -17.86
CA ASP B 180 21.93 23.82 -17.25
C ASP B 180 21.47 24.32 -15.88
N ILE B 181 21.86 23.60 -14.83
CA ILE B 181 21.32 23.88 -13.50
C ILE B 181 21.73 25.25 -13.01
N GLU B 182 22.86 25.78 -13.49
CA GLU B 182 23.29 27.10 -13.05
C GLU B 182 22.30 28.18 -13.50
N THR B 183 21.83 28.11 -14.74
CA THR B 183 20.90 29.09 -15.27
C THR B 183 19.47 28.59 -15.35
N GLY B 184 19.25 27.29 -15.19
CA GLY B 184 17.91 26.74 -15.24
C GLY B 184 17.22 26.85 -16.58
N GLN B 185 17.95 26.60 -17.67
CA GLN B 185 17.41 26.68 -19.01
C GLN B 185 17.74 25.41 -19.78
N GLN B 186 16.87 25.07 -20.73
CA GLN B 186 17.04 23.87 -21.54
C GLN B 186 18.14 24.10 -22.57
N THR B 187 19.31 23.52 -22.34
CA THR B 187 20.39 23.63 -23.31
C THR B 187 20.03 22.94 -24.63
N THR B 188 19.44 21.75 -24.54
CA THR B 188 19.02 20.99 -25.70
C THR B 188 17.72 20.27 -25.41
N THR B 189 16.80 20.28 -26.37
CA THR B 189 15.54 19.57 -26.27
C THR B 189 15.51 18.47 -27.32
N PHE B 190 15.23 17.24 -26.88
CA PHE B 190 15.24 16.07 -27.75
C PHE B 190 13.81 15.70 -28.09
N THR B 191 13.47 15.75 -29.37
CA THR B 191 12.12 15.48 -29.84
C THR B 191 12.15 14.38 -30.89
N GLY B 192 11.03 13.69 -31.04
CA GLY B 192 10.93 12.60 -31.99
C GLY B 192 10.09 11.44 -31.49
N HIS B 193 10.01 11.27 -30.18
CA HIS B 193 9.13 10.26 -29.61
C HIS B 193 7.67 10.62 -29.84
N THR B 194 6.84 9.61 -30.05
CA THR B 194 5.42 9.82 -30.28
C THR B 194 4.62 9.70 -28.99
N GLY B 195 4.92 8.73 -28.14
CA GLY B 195 4.24 8.55 -26.88
C GLY B 195 5.02 9.14 -25.71
N ASP B 196 4.53 8.85 -24.51
CA ASP B 196 5.14 9.36 -23.30
C ASP B 196 6.49 8.69 -23.08
N VAL B 197 7.54 9.49 -22.90
CA VAL B 197 8.85 8.94 -22.59
C VAL B 197 8.86 8.56 -21.12
N MET B 198 9.04 7.27 -20.84
CA MET B 198 8.89 6.76 -19.49
C MET B 198 10.19 6.47 -18.78
N SER B 199 11.29 6.25 -19.50
CA SER B 199 12.56 5.93 -18.87
C SER B 199 13.68 6.60 -19.63
N LEU B 200 14.88 6.49 -19.08
CA LEU B 200 16.06 7.18 -19.57
C LEU B 200 17.30 6.59 -18.91
N SER B 201 18.36 6.42 -19.69
CA SER B 201 19.60 5.90 -19.16
C SER B 201 20.77 6.61 -19.83
N LEU B 202 21.74 7.03 -19.04
CA LEU B 202 22.95 7.66 -19.55
C LEU B 202 24.03 6.64 -19.82
N ALA B 203 24.84 6.92 -20.83
CA ALA B 203 25.97 6.08 -21.13
C ALA B 203 27.03 6.23 -20.05
N PRO B 204 27.93 5.26 -19.92
CA PRO B 204 29.03 5.41 -18.95
C PRO B 204 29.88 6.64 -19.20
N ASP B 205 30.07 7.05 -20.45
CA ASP B 205 30.84 8.24 -20.76
C ASP B 205 30.00 9.51 -20.84
N THR B 206 28.69 9.41 -20.59
CA THR B 206 27.77 10.54 -20.59
C THR B 206 27.81 11.33 -21.89
N ARG B 207 28.07 10.64 -23.00
CA ARG B 207 28.02 11.27 -24.32
C ARG B 207 26.75 10.93 -25.07
N LEU B 208 26.09 9.83 -24.73
CA LEU B 208 24.83 9.44 -25.33
C LEU B 208 23.88 8.97 -24.24
N PHE B 209 22.60 9.00 -24.54
CA PHE B 209 21.60 8.44 -23.64
C PHE B 209 20.45 7.88 -24.46
N VAL B 210 19.80 6.86 -23.92
CA VAL B 210 18.68 6.21 -24.57
C VAL B 210 17.41 6.53 -23.79
N SER B 211 16.29 6.54 -24.50
CA SER B 211 15.00 6.81 -23.90
C SER B 211 13.97 5.86 -24.51
N GLY B 212 13.24 5.16 -23.64
CA GLY B 212 12.15 4.30 -24.05
C GLY B 212 10.82 4.96 -23.73
N ALA B 213 9.97 5.05 -24.75
CA ALA B 213 8.73 5.79 -24.65
C ALA B 213 7.53 4.87 -24.76
N CYS B 214 6.34 5.45 -24.62
CA CYS B 214 5.09 4.71 -24.75
C CYS B 214 4.74 4.40 -26.19
N ASP B 215 5.50 4.92 -27.15
CA ASP B 215 5.32 4.54 -28.55
C ASP B 215 5.92 3.18 -28.86
N ALA B 216 6.29 2.42 -27.81
CA ALA B 216 6.89 1.09 -27.94
C ALA B 216 8.21 1.14 -28.70
N SER B 217 8.89 2.28 -28.65
CA SER B 217 10.15 2.46 -29.36
C SER B 217 11.17 3.10 -28.44
N ALA B 218 12.43 2.73 -28.66
CA ALA B 218 13.55 3.32 -27.95
C ALA B 218 14.41 4.10 -28.93
N LYS B 219 14.96 5.20 -28.48
CA LYS B 219 15.76 6.08 -29.33
C LYS B 219 17.07 6.39 -28.63
N LEU B 220 18.12 6.54 -29.43
CA LEU B 220 19.44 6.90 -28.94
C LEU B 220 19.71 8.36 -29.32
N TRP B 221 20.14 9.15 -28.35
CA TRP B 221 20.33 10.57 -28.53
C TRP B 221 21.78 10.96 -28.29
N ASP B 222 22.23 12.00 -28.98
CA ASP B 222 23.52 12.61 -28.75
C ASP B 222 23.32 13.82 -27.85
N VAL B 223 23.99 13.83 -26.70
CA VAL B 223 23.80 14.92 -25.74
C VAL B 223 24.28 16.23 -26.32
N ARG B 224 25.45 16.22 -26.95
CA ARG B 224 26.01 17.44 -27.50
C ARG B 224 25.26 17.90 -28.73
N GLU B 225 25.15 17.02 -29.73
CA GLU B 225 24.56 17.42 -31.01
C GLU B 225 23.06 17.62 -30.88
N GLY B 226 22.36 16.68 -30.26
CA GLY B 226 20.96 16.86 -29.95
C GLY B 226 19.96 16.24 -30.91
N MET B 227 20.36 15.27 -31.74
CA MET B 227 19.42 14.59 -32.61
C MET B 227 19.42 13.09 -32.31
N CYS B 228 18.39 12.42 -32.81
CA CYS B 228 18.23 10.98 -32.61
C CYS B 228 19.22 10.24 -33.50
N ARG B 229 20.19 9.57 -32.89
CA ARG B 229 21.15 8.79 -33.67
C ARG B 229 20.52 7.54 -34.25
N GLN B 230 19.78 6.79 -33.43
CA GLN B 230 19.21 5.52 -33.85
C GLN B 230 17.85 5.33 -33.18
N THR B 231 17.02 4.52 -33.81
CA THR B 231 15.69 4.20 -33.29
C THR B 231 15.54 2.69 -33.24
N PHE B 232 15.04 2.17 -32.13
CA PHE B 232 14.90 0.74 -31.90
C PHE B 232 13.44 0.40 -31.65
N THR B 233 12.95 -0.63 -32.33
CA THR B 233 11.58 -1.08 -32.20
C THR B 233 11.57 -2.59 -32.00
N GLY B 234 10.39 -3.10 -31.64
CA GLY B 234 10.23 -4.53 -31.44
C GLY B 234 9.32 -4.86 -30.28
N HIS B 235 9.14 -3.92 -29.36
CA HIS B 235 8.25 -4.13 -28.24
C HIS B 235 6.80 -3.90 -28.65
N GLU B 236 5.91 -4.76 -28.17
CA GLU B 236 4.50 -4.63 -28.52
C GLU B 236 3.81 -3.53 -27.72
N SER B 237 4.22 -3.30 -26.48
CA SER B 237 3.53 -2.39 -25.58
C SER B 237 4.47 -1.27 -25.12
N ASP B 238 4.00 -0.50 -24.14
CA ASP B 238 4.77 0.63 -23.63
C ASP B 238 6.07 0.16 -23.02
N ILE B 239 7.12 0.97 -23.18
CA ILE B 239 8.42 0.70 -22.59
C ILE B 239 8.51 1.47 -21.27
N ASN B 240 8.69 0.75 -20.17
CA ASN B 240 8.69 1.35 -18.85
C ASN B 240 10.09 1.53 -18.27
N ALA B 241 11.07 0.77 -18.74
CA ALA B 241 12.40 0.80 -18.17
C ALA B 241 13.43 0.69 -19.29
N ILE B 242 14.63 1.17 -19.00
CA ILE B 242 15.73 1.12 -19.96
C ILE B 242 17.02 1.26 -19.16
N CYS B 243 18.10 0.67 -19.66
CA CYS B 243 19.38 0.68 -18.97
C CYS B 243 20.50 0.27 -19.90
N PHE B 244 21.58 1.04 -19.95
CA PHE B 244 22.74 0.64 -20.73
C PHE B 244 23.44 -0.58 -20.16
N PHE B 245 24.09 -1.32 -21.05
CA PHE B 245 25.06 -2.32 -20.65
C PHE B 245 26.27 -1.62 -20.04
N PRO B 246 27.00 -2.29 -19.15
CA PRO B 246 28.14 -1.64 -18.49
C PRO B 246 29.16 -1.03 -19.43
N ASN B 247 29.40 -1.61 -20.61
CA ASN B 247 30.38 -1.03 -21.52
C ASN B 247 29.78 0.02 -22.44
N GLY B 248 28.47 0.26 -22.36
CA GLY B 248 27.85 1.33 -23.11
C GLY B 248 27.59 1.03 -24.57
N ASN B 249 27.77 -0.21 -25.01
CA ASN B 249 27.51 -0.60 -26.39
C ASN B 249 26.19 -1.29 -26.59
N ALA B 250 25.39 -1.43 -25.53
CA ALA B 250 24.09 -2.10 -25.63
C ALA B 250 23.21 -1.60 -24.50
N PHE B 251 21.91 -1.88 -24.62
CA PHE B 251 20.97 -1.52 -23.58
C PHE B 251 19.82 -2.50 -23.56
N ALA B 252 19.15 -2.59 -22.43
CA ALA B 252 18.03 -3.48 -22.24
C ALA B 252 16.79 -2.67 -21.87
N THR B 253 15.65 -3.09 -22.40
CA THR B 253 14.38 -2.40 -22.18
C THR B 253 13.41 -3.32 -21.47
N GLY B 254 12.60 -2.75 -20.59
CA GLY B 254 11.52 -3.48 -19.96
C GLY B 254 10.19 -2.90 -20.38
N SER B 255 9.28 -3.73 -20.85
CA SER B 255 8.03 -3.26 -21.44
C SER B 255 6.83 -3.84 -20.71
N ASP B 256 5.64 -3.41 -21.13
CA ASP B 256 4.41 -3.86 -20.52
C ASP B 256 3.93 -5.20 -21.06
N ASP B 257 4.55 -5.72 -22.12
CA ASP B 257 4.18 -7.01 -22.67
C ASP B 257 4.91 -8.16 -21.98
N ALA B 258 5.39 -7.94 -20.76
CA ALA B 258 6.08 -8.96 -19.96
C ALA B 258 7.34 -9.46 -20.65
N THR B 259 8.00 -8.60 -21.41
CA THR B 259 9.23 -8.97 -22.10
C THR B 259 10.31 -7.94 -21.84
N CYS B 260 11.55 -8.42 -21.74
CA CYS B 260 12.73 -7.58 -21.73
C CYS B 260 13.56 -7.95 -22.94
N ARG B 261 14.11 -6.96 -23.63
CA ARG B 261 14.87 -7.19 -24.84
C ARG B 261 16.17 -6.41 -24.79
N LEU B 262 17.18 -6.94 -25.49
CA LEU B 262 18.51 -6.38 -25.52
C LEU B 262 18.81 -5.88 -26.93
N PHE B 263 19.19 -4.62 -27.03
CA PHE B 263 19.52 -3.99 -28.31
C PHE B 263 20.99 -3.60 -28.31
N ASP B 264 21.67 -3.82 -29.44
CA ASP B 264 23.06 -3.43 -29.60
C ASP B 264 23.12 -2.18 -30.48
N LEU B 265 23.85 -1.16 -30.00
CA LEU B 265 23.94 0.09 -30.75
C LEU B 265 24.64 -0.09 -32.09
N ARG B 266 25.74 -0.85 -32.10
CA ARG B 266 26.48 -1.04 -33.35
C ARG B 266 25.70 -1.93 -34.32
N ALA B 267 25.08 -2.99 -33.82
CA ALA B 267 24.27 -3.84 -34.67
C ALA B 267 22.95 -3.18 -35.06
N ASP B 268 22.52 -2.18 -34.27
CA ASP B 268 21.35 -1.37 -34.58
C ASP B 268 20.08 -2.23 -34.64
N GLN B 269 20.06 -3.33 -33.90
CA GLN B 269 18.86 -4.15 -33.82
C GLN B 269 18.94 -5.04 -32.59
N GLU B 270 17.80 -5.68 -32.29
CA GLU B 270 17.66 -6.54 -31.12
C GLU B 270 18.49 -7.81 -31.26
N LEU B 271 19.02 -8.28 -30.14
CA LEU B 271 19.75 -9.54 -30.07
C LEU B 271 19.05 -10.63 -29.26
N MET B 272 18.35 -10.29 -28.18
CA MET B 272 17.77 -11.33 -27.36
C MET B 272 16.57 -10.80 -26.60
N THR B 273 15.61 -11.69 -26.36
CA THR B 273 14.39 -11.38 -25.63
C THR B 273 14.36 -12.19 -24.35
N TYR B 274 14.03 -11.55 -23.24
CA TYR B 274 13.97 -12.18 -21.92
C TYR B 274 12.52 -12.26 -21.50
N SER B 275 11.87 -13.38 -21.84
CA SER B 275 10.45 -13.55 -21.57
C SER B 275 10.18 -14.98 -21.12
N HIS B 276 9.03 -15.15 -20.48
CA HIS B 276 8.57 -16.47 -20.05
C HIS B 276 7.05 -16.49 -20.14
N ASP B 277 6.50 -17.68 -20.39
CA ASP B 277 5.06 -17.81 -20.50
C ASP B 277 4.36 -17.65 -19.16
N ASN B 278 5.07 -17.93 -18.06
CA ASN B 278 4.51 -17.77 -16.74
C ASN B 278 4.33 -16.30 -16.37
N ILE B 279 5.01 -15.40 -17.08
CA ILE B 279 5.00 -13.97 -16.74
C ILE B 279 4.07 -13.27 -17.70
N ILE B 280 3.04 -12.61 -17.15
CA ILE B 280 2.04 -11.90 -17.94
C ILE B 280 1.98 -10.41 -17.61
N CYS B 281 2.73 -9.96 -16.62
CA CYS B 281 2.70 -8.57 -16.17
C CYS B 281 3.91 -7.82 -16.69
N GLY B 282 3.76 -6.51 -16.81
CA GLY B 282 4.82 -5.68 -17.35
C GLY B 282 5.98 -5.51 -16.40
N ILE B 283 7.08 -5.01 -16.96
CA ILE B 283 8.31 -4.75 -16.22
C ILE B 283 8.33 -3.29 -15.82
N THR B 284 8.63 -3.04 -14.54
CA THR B 284 8.70 -1.67 -14.02
C THR B 284 10.11 -1.11 -14.01
N SER B 285 11.13 -1.97 -13.92
CA SER B 285 12.50 -1.50 -13.82
C SER B 285 13.44 -2.60 -14.31
N VAL B 286 14.54 -2.18 -14.92
CA VAL B 286 15.58 -3.10 -15.34
C VAL B 286 16.93 -2.54 -14.89
N SER B 287 17.88 -3.43 -14.69
CA SER B 287 19.24 -3.03 -14.34
C SER B 287 20.17 -4.20 -14.63
N PHE B 288 21.45 -3.90 -14.73
CA PHE B 288 22.47 -4.89 -15.01
C PHE B 288 23.39 -5.04 -13.80
N SER B 289 24.19 -6.10 -13.81
CA SER B 289 25.22 -6.27 -12.81
C SER B 289 26.47 -5.49 -13.22
N LYS B 290 27.51 -5.57 -12.40
CA LYS B 290 28.73 -4.84 -12.69
C LYS B 290 29.37 -5.31 -13.99
N SER B 291 29.36 -6.62 -14.22
CA SER B 291 29.85 -7.17 -15.48
C SER B 291 28.79 -7.23 -16.56
N GLY B 292 27.54 -6.94 -16.23
CA GLY B 292 26.46 -7.03 -17.18
C GLY B 292 25.95 -8.42 -17.43
N ARG B 293 26.47 -9.42 -16.72
CA ARG B 293 26.05 -10.80 -16.95
C ARG B 293 24.60 -11.02 -16.52
N LEU B 294 24.19 -10.41 -15.42
CA LEU B 294 22.85 -10.57 -14.89
C LEU B 294 22.01 -9.36 -15.26
N LEU B 295 20.80 -9.61 -15.75
CA LEU B 295 19.85 -8.55 -16.06
C LEU B 295 18.77 -8.60 -14.99
N LEU B 296 18.95 -7.80 -13.95
CA LEU B 296 17.93 -7.66 -12.92
C LEU B 296 16.72 -6.95 -13.52
N ALA B 297 15.53 -7.39 -13.13
CA ALA B 297 14.31 -6.79 -13.67
C ALA B 297 13.20 -6.88 -12.62
N GLY B 298 12.51 -5.77 -12.40
CA GLY B 298 11.38 -5.73 -11.50
C GLY B 298 10.08 -5.88 -12.26
N TYR B 299 9.12 -6.57 -11.64
CA TYR B 299 7.89 -6.93 -12.32
C TYR B 299 6.68 -6.48 -11.51
N ASP B 300 5.53 -6.43 -12.18
CA ASP B 300 4.27 -6.13 -11.52
C ASP B 300 3.77 -7.28 -10.67
N ASP B 301 4.33 -8.48 -10.83
CA ASP B 301 3.88 -9.65 -10.09
C ASP B 301 4.47 -9.72 -8.71
N PHE B 302 4.89 -8.58 -8.17
CA PHE B 302 5.35 -8.39 -6.80
C PHE B 302 6.78 -8.87 -6.64
N ASN B 303 7.45 -9.32 -7.69
CA ASN B 303 8.73 -9.99 -7.59
C ASN B 303 9.71 -9.39 -8.58
N CYS B 304 10.99 -9.58 -8.28
CA CYS B 304 12.10 -9.22 -9.17
C CYS B 304 12.74 -10.49 -9.70
N ASN B 305 12.93 -10.55 -11.01
CA ASN B 305 13.49 -11.71 -11.68
C ASN B 305 14.91 -11.41 -12.13
N VAL B 306 15.84 -12.31 -11.83
CA VAL B 306 17.22 -12.18 -12.26
C VAL B 306 17.39 -13.00 -13.53
N TRP B 307 17.81 -12.36 -14.61
CA TRP B 307 18.01 -13.01 -15.88
C TRP B 307 19.49 -13.21 -16.16
N ASP B 308 19.78 -14.06 -17.12
CA ASP B 308 21.13 -14.24 -17.65
C ASP B 308 21.17 -13.49 -18.97
N ALA B 309 21.86 -12.36 -18.99
CA ALA B 309 21.82 -11.48 -20.15
C ALA B 309 22.33 -12.16 -21.41
N LEU B 310 23.22 -13.14 -21.26
CA LEU B 310 23.81 -13.80 -22.41
C LEU B 310 22.98 -14.96 -22.95
N LYS B 311 22.12 -15.57 -22.13
CA LYS B 311 21.36 -16.72 -22.63
C LYS B 311 19.91 -16.73 -22.16
N ALA B 312 19.38 -15.61 -21.69
CA ALA B 312 17.95 -15.43 -21.47
C ALA B 312 17.36 -16.35 -20.40
N ASP B 313 18.18 -17.18 -19.77
CA ASP B 313 17.68 -18.09 -18.75
C ASP B 313 17.54 -17.37 -17.41
N ARG B 314 16.44 -17.63 -16.73
CA ARG B 314 16.29 -17.10 -15.38
C ARG B 314 17.29 -17.77 -14.45
N ALA B 315 17.90 -16.96 -13.58
CA ALA B 315 18.89 -17.44 -12.65
C ALA B 315 18.56 -17.15 -11.20
N GLY B 316 17.42 -16.52 -10.93
CA GLY B 316 17.04 -16.22 -9.57
C GLY B 316 15.82 -15.33 -9.47
N VAL B 317 15.19 -15.34 -8.30
CA VAL B 317 14.01 -14.51 -8.04
C VAL B 317 14.20 -13.82 -6.70
N LEU B 318 14.04 -12.50 -6.68
CA LEU B 318 14.10 -11.73 -5.44
C LEU B 318 12.67 -11.44 -5.02
N ALA B 319 12.05 -12.44 -4.39
CA ALA B 319 10.66 -12.35 -3.94
C ALA B 319 10.64 -11.99 -2.47
N GLY B 320 10.53 -10.70 -2.17
CA GLY B 320 10.48 -10.25 -0.81
C GLY B 320 9.53 -9.09 -0.57
N HIS B 321 8.83 -8.66 -1.62
CA HIS B 321 7.99 -7.47 -1.55
C HIS B 321 6.52 -7.84 -1.59
N ASP B 322 5.74 -7.19 -0.74
CA ASP B 322 4.31 -7.43 -0.66
C ASP B 322 3.53 -6.79 -1.78
N ASN B 323 4.10 -5.79 -2.45
CA ASN B 323 3.45 -5.08 -3.54
C ASN B 323 4.37 -5.04 -4.75
N ARG B 324 3.91 -4.34 -5.79
CA ARG B 324 4.64 -4.27 -7.04
C ARG B 324 6.00 -3.62 -6.86
N VAL B 325 7.04 -4.24 -7.42
CA VAL B 325 8.38 -3.69 -7.40
C VAL B 325 8.44 -2.58 -8.42
N SER B 326 8.59 -1.34 -7.97
CA SER B 326 8.54 -0.17 -8.85
C SER B 326 9.91 0.34 -9.26
N CYS B 327 10.94 0.08 -8.46
CA CYS B 327 12.26 0.63 -8.69
C CYS B 327 13.31 -0.38 -8.30
N LEU B 328 14.51 -0.21 -8.86
CA LEU B 328 15.56 -1.21 -8.75
C LEU B 328 16.87 -0.58 -9.19
N GLY B 329 17.95 -0.91 -8.50
CA GLY B 329 19.25 -0.36 -8.83
C GLY B 329 20.38 -1.19 -8.28
N VAL B 330 21.51 -1.16 -8.98
CA VAL B 330 22.70 -1.90 -8.61
C VAL B 330 23.82 -0.90 -8.35
N THR B 331 24.55 -1.10 -7.27
CA THR B 331 25.63 -0.19 -6.90
C THR B 331 26.74 -0.20 -7.94
N ASP B 332 27.52 0.89 -7.97
CA ASP B 332 28.58 1.01 -8.94
C ASP B 332 29.66 -0.06 -8.74
N ASP B 333 29.95 -0.39 -7.49
CA ASP B 333 30.90 -1.47 -7.23
C ASP B 333 30.26 -2.85 -7.35
N GLY B 334 28.95 -2.92 -7.57
CA GLY B 334 28.28 -4.18 -7.79
C GLY B 334 28.02 -5.01 -6.54
N MET B 335 28.27 -4.44 -5.36
CA MET B 335 28.15 -5.22 -4.13
C MET B 335 26.72 -5.62 -3.85
N ALA B 336 25.76 -4.74 -4.12
CA ALA B 336 24.39 -5.01 -3.72
C ALA B 336 23.41 -4.46 -4.74
N VAL B 337 22.18 -4.95 -4.67
CA VAL B 337 21.06 -4.47 -5.47
C VAL B 337 19.95 -4.07 -4.52
N ALA B 338 19.35 -2.91 -4.75
CA ALA B 338 18.27 -2.40 -3.93
C ALA B 338 16.98 -2.37 -4.74
N THR B 339 15.91 -2.89 -4.16
CA THR B 339 14.59 -2.89 -4.79
C THR B 339 13.61 -2.20 -3.87
N GLY B 340 12.95 -1.18 -4.38
CA GLY B 340 11.85 -0.56 -3.69
C GLY B 340 10.55 -1.04 -4.29
N SER B 341 9.46 -0.84 -3.56
CA SER B 341 8.18 -1.33 -4.04
C SER B 341 7.05 -0.48 -3.47
N TRP B 342 5.84 -0.77 -3.95
CA TRP B 342 4.67 -0.03 -3.54
C TRP B 342 4.25 -0.32 -2.11
N ASP B 343 4.85 -1.31 -1.46
CA ASP B 343 4.57 -1.62 -0.06
C ASP B 343 5.40 -0.78 0.89
N SER B 344 6.10 0.24 0.38
CA SER B 344 6.80 1.24 1.20
C SER B 344 8.03 0.66 1.90
N PHE B 345 8.73 -0.25 1.24
CA PHE B 345 9.95 -0.81 1.79
C PHE B 345 11.01 -0.92 0.71
N LEU B 346 12.24 -0.57 1.06
CA LEU B 346 13.40 -0.87 0.24
C LEU B 346 14.16 -2.03 0.86
N LYS B 347 14.75 -2.86 0.00
CA LYS B 347 15.47 -4.04 0.47
C LYS B 347 16.80 -4.13 -0.27
N ILE B 348 17.87 -4.35 0.49
CA ILE B 348 19.20 -4.51 -0.07
C ILE B 348 19.48 -6.00 -0.18
N TRP B 349 19.79 -6.46 -1.38
CA TRP B 349 20.04 -7.87 -1.65
C TRP B 349 21.52 -8.06 -1.97
N ASN B 350 22.12 -9.10 -1.42
CA ASN B 350 23.52 -9.36 -1.63
C ASN B 350 23.82 -10.86 -1.57
N ALA C 12 6.08 16.08 -43.49
CA ALA C 12 6.88 14.92 -43.10
C ALA C 12 8.31 15.06 -43.60
N ARG C 13 8.70 16.29 -43.94
CA ARG C 13 10.07 16.53 -44.40
C ARG C 13 11.08 16.23 -43.31
N LYS C 14 10.79 16.65 -42.08
CA LYS C 14 11.70 16.37 -40.97
C LYS C 14 11.83 14.88 -40.72
N LEU C 15 10.70 14.15 -40.75
CA LEU C 15 10.75 12.71 -40.55
C LEU C 15 11.54 12.02 -41.65
N VAL C 16 11.35 12.44 -42.90
CA VAL C 16 12.10 11.86 -44.01
C VAL C 16 13.58 12.13 -43.85
N GLU C 17 13.94 13.35 -43.47
CA GLU C 17 15.36 13.69 -43.27
C GLU C 17 15.95 12.86 -42.14
N GLN C 18 15.22 12.68 -41.05
CA GLN C 18 15.72 11.89 -39.94
C GLN C 18 15.90 10.43 -40.34
N LEU C 19 14.95 9.88 -41.10
CA LEU C 19 15.08 8.50 -41.58
C LEU C 19 16.29 8.36 -42.49
N LYS C 20 16.50 9.33 -43.39
CA LYS C 20 17.66 9.28 -44.27
C LYS C 20 18.96 9.37 -43.48
N MET C 21 19.00 10.22 -42.46
CA MET C 21 20.19 10.32 -41.62
C MET C 21 20.46 9.03 -40.87
N GLU C 22 19.41 8.39 -40.34
CA GLU C 22 19.59 7.16 -39.61
C GLU C 22 19.89 5.97 -40.52
N ALA C 23 19.57 6.07 -41.81
CA ALA C 23 19.84 4.97 -42.73
C ALA C 23 21.31 4.90 -43.13
N ASN C 24 21.99 6.04 -43.20
CA ASN C 24 23.38 6.09 -43.67
C ASN C 24 24.36 5.97 -42.50
N ILE C 25 24.28 4.83 -41.81
CA ILE C 25 25.17 4.53 -40.69
C ILE C 25 25.78 3.15 -40.92
N ASP C 26 26.93 2.93 -40.28
CA ASP C 26 27.67 1.70 -40.44
C ASP C 26 27.18 0.68 -39.41
N ARG C 27 26.55 -0.39 -39.89
CA ARG C 27 26.04 -1.45 -39.03
C ARG C 27 26.97 -2.64 -39.09
N ILE C 28 27.44 -3.09 -37.93
CA ILE C 28 28.30 -4.26 -37.85
C ILE C 28 27.42 -5.51 -37.76
N LYS C 29 28.03 -6.66 -38.00
CA LYS C 29 27.30 -7.91 -37.96
C LYS C 29 26.85 -8.22 -36.54
N VAL C 30 25.74 -8.94 -36.42
CA VAL C 30 25.23 -9.32 -35.10
C VAL C 30 26.21 -10.24 -34.40
N SER C 31 26.88 -11.11 -35.16
CA SER C 31 27.85 -12.03 -34.57
C SER C 31 28.97 -11.27 -33.88
N LYS C 32 29.51 -10.24 -34.53
CA LYS C 32 30.60 -9.47 -33.94
C LYS C 32 30.15 -8.74 -32.69
N ALA C 33 28.97 -8.13 -32.72
CA ALA C 33 28.46 -7.41 -31.55
C ALA C 33 28.22 -8.36 -30.39
N ALA C 34 27.64 -9.53 -30.66
CA ALA C 34 27.42 -10.51 -29.61
C ALA C 34 28.73 -11.04 -29.05
N ALA C 35 29.72 -11.24 -29.92
CA ALA C 35 31.03 -11.69 -29.44
C ALA C 35 31.69 -10.65 -28.56
N ASP C 36 31.60 -9.37 -28.93
CA ASP C 36 32.16 -8.32 -28.08
C ASP C 36 31.43 -8.25 -26.74
N LEU C 37 30.10 -8.39 -26.77
CA LEU C 37 29.31 -8.38 -25.54
C LEU C 37 29.72 -9.52 -24.62
N MET C 38 29.86 -10.72 -25.20
CA MET C 38 30.30 -11.88 -24.42
C MET C 38 31.71 -11.68 -23.88
N ALA C 39 32.60 -11.13 -24.70
CA ALA C 39 33.97 -10.91 -24.25
C ALA C 39 34.00 -9.97 -23.06
N TYR C 40 33.18 -8.93 -23.09
CA TYR C 40 33.11 -8.04 -21.93
C TYR C 40 32.53 -8.78 -20.73
N CYS C 41 31.53 -9.64 -20.94
CA CYS C 41 30.92 -10.33 -19.80
C CYS C 41 31.94 -11.23 -19.08
N GLU C 42 32.72 -12.02 -19.83
CA GLU C 42 33.69 -12.86 -19.12
C GLU C 42 34.92 -12.09 -18.66
N ALA C 43 35.28 -11.00 -19.34
CA ALA C 43 36.47 -10.26 -18.94
C ALA C 43 36.30 -9.69 -17.53
N HIS C 44 35.10 -9.23 -17.19
CA HIS C 44 34.81 -8.64 -15.89
C HIS C 44 34.05 -9.61 -14.98
N ALA C 45 34.14 -10.91 -15.24
CA ALA C 45 33.41 -11.89 -14.44
C ALA C 45 33.88 -11.92 -13.00
N LYS C 46 35.19 -11.86 -12.77
CA LYS C 46 35.73 -11.97 -11.41
C LYS C 46 35.37 -10.76 -10.56
N GLU C 47 35.19 -9.59 -11.17
CA GLU C 47 34.92 -8.37 -10.45
C GLU C 47 33.45 -8.17 -10.13
N ASP C 48 32.58 -9.11 -10.52
CA ASP C 48 31.15 -9.00 -10.25
C ASP C 48 30.85 -9.65 -8.91
N PRO C 49 30.45 -8.89 -7.88
CA PRO C 49 30.12 -9.50 -6.59
C PRO C 49 28.83 -10.28 -6.58
N LEU C 50 28.00 -10.19 -7.61
CA LEU C 50 26.72 -10.87 -7.64
C LEU C 50 26.78 -12.22 -8.34
N LEU C 51 27.73 -12.41 -9.25
CA LEU C 51 27.91 -13.73 -9.86
C LEU C 51 28.61 -14.68 -8.90
N THR C 52 29.83 -14.34 -8.50
CA THR C 52 30.57 -15.11 -7.52
C THR C 52 30.54 -14.36 -6.20
N PRO C 53 29.80 -14.84 -5.19
CA PRO C 53 29.70 -14.09 -3.93
C PRO C 53 31.06 -13.90 -3.29
N VAL C 54 31.26 -12.70 -2.73
CA VAL C 54 32.48 -12.36 -2.03
C VAL C 54 32.45 -13.00 -0.66
N PRO C 55 33.59 -13.23 -0.01
CA PRO C 55 33.56 -13.74 1.37
C PRO C 55 32.88 -12.73 2.29
N ALA C 56 32.21 -13.28 3.32
CA ALA C 56 31.48 -12.42 4.25
C ALA C 56 32.39 -11.47 5.01
N SER C 57 33.70 -11.74 5.03
CA SER C 57 34.63 -10.80 5.64
C SER C 57 34.65 -9.48 4.90
N GLU C 58 34.65 -9.53 3.57
CA GLU C 58 34.68 -8.33 2.73
C GLU C 58 33.30 -7.92 2.23
N ASN C 59 32.25 -8.38 2.89
CA ASN C 59 30.88 -8.06 2.49
C ASN C 59 30.34 -6.98 3.41
N PRO C 60 30.12 -5.75 2.91
CA PRO C 60 29.58 -4.70 3.80
C PRO C 60 28.18 -4.99 4.28
N PHE C 61 27.45 -5.89 3.62
CA PHE C 61 26.09 -6.21 4.02
C PHE C 61 26.00 -7.63 4.57
N PHE D 54 -20.11 -38.84 34.78
CA PHE D 54 -20.39 -37.63 34.03
C PHE D 54 -19.29 -36.58 34.20
N ASN D 55 -18.98 -36.27 35.46
CA ASN D 55 -18.11 -35.13 35.75
C ASN D 55 -16.70 -35.37 35.24
N LYS D 56 -16.15 -36.55 35.53
CA LYS D 56 -14.80 -36.87 35.10
C LYS D 56 -14.68 -36.87 33.57
N ILE D 57 -15.59 -37.56 32.88
CA ILE D 57 -15.50 -37.65 31.44
C ILE D 57 -15.73 -36.30 30.75
N PHE D 58 -16.79 -35.58 31.14
CA PHE D 58 -17.22 -34.40 30.39
C PHE D 58 -16.22 -33.24 30.47
N LEU D 59 -15.78 -32.88 31.68
CA LEU D 59 -14.92 -31.70 31.83
C LEU D 59 -13.64 -31.79 31.02
N PRO D 60 -12.76 -32.78 31.21
CA PRO D 60 -11.52 -32.81 30.42
C PRO D 60 -11.75 -32.87 28.92
N THR D 61 -12.76 -33.61 28.46
CA THR D 61 -13.03 -33.64 27.03
C THR D 61 -13.41 -32.26 26.54
N ILE D 62 -14.29 -31.57 27.28
CA ILE D 62 -14.70 -30.23 26.89
C ILE D 62 -13.60 -29.21 27.17
N TYR D 63 -12.65 -29.54 28.04
CA TYR D 63 -11.54 -28.65 28.34
C TYR D 63 -10.34 -28.91 27.44
N SER D 64 -10.45 -29.85 26.51
CA SER D 64 -9.40 -30.14 25.55
C SER D 64 -9.75 -29.62 24.17
N ILE D 65 -11.02 -29.69 23.79
CA ILE D 65 -11.49 -29.08 22.55
C ILE D 65 -11.11 -27.60 22.53
N ILE D 66 -11.32 -26.92 23.65
CA ILE D 66 -10.98 -25.51 23.75
C ILE D 66 -9.48 -25.31 23.71
N PHE D 67 -8.72 -26.17 24.39
CA PHE D 67 -7.28 -26.02 24.42
C PHE D 67 -6.69 -26.18 23.02
N LEU D 68 -7.16 -27.18 22.26
CA LEU D 68 -6.66 -27.36 20.90
C LEU D 68 -7.05 -26.19 20.01
N THR D 69 -8.30 -25.72 20.13
CA THR D 69 -8.73 -24.58 19.32
C THR D 69 -8.13 -23.28 19.84
N GLY D 70 -8.00 -23.14 21.16
CA GLY D 70 -7.44 -21.93 21.72
C GLY D 70 -5.97 -21.76 21.39
N ILE D 71 -5.19 -22.84 21.47
CA ILE D 71 -3.77 -22.74 21.19
C ILE D 71 -3.53 -22.50 19.71
N VAL D 72 -4.41 -23.00 18.85
CA VAL D 72 -4.26 -22.80 17.42
C VAL D 72 -4.82 -21.44 17.00
N GLY D 73 -6.03 -21.12 17.45
CA GLY D 73 -6.66 -19.88 17.05
C GLY D 73 -5.90 -18.66 17.53
N ASN D 74 -5.51 -18.66 18.81
CA ASN D 74 -4.77 -17.52 19.35
C ASN D 74 -3.33 -17.50 18.86
N GLY D 75 -2.76 -18.67 18.59
CA GLY D 75 -1.42 -18.71 18.02
C GLY D 75 -1.40 -18.14 16.62
N LEU D 76 -2.42 -18.44 15.82
CA LEU D 76 -2.45 -17.96 14.43
C LEU D 76 -2.49 -16.44 14.38
N VAL D 77 -3.25 -15.81 15.28
CA VAL D 77 -3.31 -14.36 15.31
C VAL D 77 -1.97 -13.76 15.70
N ILE D 78 -1.25 -14.41 16.62
CA ILE D 78 0.04 -13.91 17.05
C ILE D 78 1.05 -13.93 15.91
N LEU D 79 1.11 -15.06 15.19
CA LEU D 79 2.05 -15.17 14.07
C LEU D 79 1.71 -14.20 12.95
N VAL D 80 0.42 -14.02 12.66
CA VAL D 80 0.03 -13.09 11.61
C VAL D 80 0.43 -11.67 12.00
N MET D 81 0.17 -11.28 13.24
CA MET D 81 0.58 -9.97 13.71
C MET D 81 2.09 -9.87 13.87
N GLY D 82 2.74 -10.96 14.28
CA GLY D 82 4.20 -10.95 14.35
C GLY D 82 4.84 -10.79 12.99
N TYR D 83 4.34 -11.51 11.99
CA TYR D 83 4.85 -11.44 10.63
C TYR D 83 4.05 -10.45 9.78
N GLN D 84 3.91 -9.22 10.26
CA GLN D 84 3.18 -8.18 9.55
C GLN D 84 4.16 -7.07 9.19
N LYS D 85 4.49 -6.96 7.90
CA LYS D 85 5.43 -5.93 7.46
C LYS D 85 4.85 -4.53 7.64
N LYS D 86 3.59 -4.34 7.26
CA LYS D 86 3.00 -3.00 7.27
C LYS D 86 2.75 -2.53 8.70
N LEU D 87 2.54 -1.22 8.83
CA LEU D 87 2.37 -0.60 10.13
C LEU D 87 1.10 -1.08 10.81
N ARG D 88 1.16 -1.20 12.14
CA ARG D 88 0.02 -1.66 12.91
C ARG D 88 -0.99 -0.54 13.09
N SER D 89 -2.27 -0.91 13.07
CA SER D 89 -3.35 0.00 13.37
C SER D 89 -3.76 -0.14 14.83
N MET D 90 -4.71 0.69 15.26
CA MET D 90 -5.15 0.63 16.64
C MET D 90 -5.84 -0.69 16.95
N THR D 91 -6.59 -1.22 15.99
CA THR D 91 -7.26 -2.51 16.22
C THR D 91 -6.28 -3.67 16.20
N ASP D 92 -5.13 -3.52 15.54
CA ASP D 92 -4.13 -4.59 15.54
C ASP D 92 -3.49 -4.74 16.91
N LYS D 93 -3.20 -3.62 17.57
CA LYS D 93 -2.62 -3.67 18.91
C LYS D 93 -3.59 -4.29 19.91
N TYR D 94 -4.85 -3.90 19.86
CA TYR D 94 -5.87 -4.52 20.70
C TYR D 94 -5.96 -6.01 20.43
N ARG D 95 -5.86 -6.40 19.17
CA ARG D 95 -5.93 -7.81 18.81
C ARG D 95 -4.73 -8.58 19.35
N LEU D 96 -3.56 -7.96 19.34
CA LEU D 96 -2.39 -8.59 19.96
C LEU D 96 -2.57 -8.75 21.46
N HIS D 97 -3.08 -7.72 22.13
CA HIS D 97 -3.35 -7.84 23.56
C HIS D 97 -4.33 -8.97 23.84
N LEU D 98 -5.41 -9.03 23.06
CA LEU D 98 -6.42 -10.07 23.26
C LEU D 98 -5.84 -11.44 23.02
N SER D 99 -4.99 -11.59 22.00
CA SER D 99 -4.37 -12.87 21.72
C SER D 99 -3.49 -13.32 22.87
N VAL D 100 -2.69 -12.40 23.43
CA VAL D 100 -1.83 -12.78 24.55
C VAL D 100 -2.66 -13.17 25.77
N ALA D 101 -3.70 -12.40 26.09
CA ALA D 101 -4.53 -12.74 27.24
C ALA D 101 -5.22 -14.09 27.07
N ASP D 102 -5.82 -14.32 25.90
CA ASP D 102 -6.47 -15.59 25.65
C ASP D 102 -5.47 -16.74 25.63
N LEU D 103 -4.24 -16.48 25.20
CA LEU D 103 -3.21 -17.51 25.21
C LEU D 103 -2.83 -17.90 26.63
N LEU D 104 -2.71 -16.91 27.51
CA LEU D 104 -2.47 -17.21 28.92
C LEU D 104 -3.60 -18.06 29.50
N PHE D 105 -4.85 -17.68 29.20
CA PHE D 105 -5.98 -18.48 29.69
C PHE D 105 -5.93 -19.90 29.15
N VAL D 106 -5.58 -20.04 27.86
CA VAL D 106 -5.56 -21.36 27.23
C VAL D 106 -4.51 -22.24 27.89
N ILE D 107 -3.30 -21.70 28.10
CA ILE D 107 -2.29 -22.52 28.77
C ILE D 107 -2.67 -22.78 30.22
N THR D 108 -3.59 -21.98 30.77
CA THR D 108 -4.11 -22.27 32.10
C THR D 108 -5.01 -23.50 32.09
N LEU D 109 -5.79 -23.70 31.01
CA LEU D 109 -6.77 -24.79 31.04
C LEU D 109 -6.22 -26.18 31.34
N PRO D 110 -5.10 -26.64 30.74
CA PRO D 110 -4.72 -28.05 30.94
C PRO D 110 -4.53 -28.42 32.40
N PHE D 111 -4.30 -27.44 33.27
CA PHE D 111 -4.14 -27.73 34.67
C PHE D 111 -5.50 -28.03 35.28
N TRP D 112 -6.51 -27.26 34.89
CA TRP D 112 -7.86 -27.52 35.36
C TRP D 112 -8.34 -28.87 34.85
N ALA D 113 -8.00 -29.20 33.60
CA ALA D 113 -8.38 -30.51 33.05
C ALA D 113 -7.75 -31.63 33.86
N VAL D 114 -6.45 -31.52 34.18
CA VAL D 114 -5.81 -32.55 34.99
C VAL D 114 -6.49 -32.63 36.35
N ASP D 115 -6.79 -31.48 36.95
CA ASP D 115 -7.46 -31.46 38.25
C ASP D 115 -8.78 -32.22 38.17
N ALA D 116 -9.53 -32.00 37.09
CA ALA D 116 -10.81 -32.69 36.92
C ALA D 116 -10.61 -34.20 36.82
N VAL D 117 -9.57 -34.62 36.08
CA VAL D 117 -9.24 -36.05 36.04
C VAL D 117 -8.82 -36.53 37.43
N ALA D 118 -7.81 -35.87 38.00
CA ALA D 118 -7.24 -36.23 39.28
C ALA D 118 -6.89 -34.93 39.98
N ASN D 119 -7.33 -34.79 41.23
CA ASN D 119 -7.20 -33.51 41.91
C ASN D 119 -5.74 -33.14 42.14
N TRP D 120 -5.53 -31.86 42.42
CA TRP D 120 -4.22 -31.23 42.43
C TRP D 120 -3.16 -32.01 43.20
N TYR D 121 -2.08 -32.33 42.49
CA TYR D 121 -0.89 -32.94 43.05
C TYR D 121 0.37 -32.31 42.48
N PHE D 122 0.24 -31.20 41.76
CA PHE D 122 1.39 -30.51 41.20
C PHE D 122 2.23 -29.82 42.27
N GLY D 123 1.58 -29.27 43.28
CA GLY D 123 2.28 -28.58 44.34
C GLY D 123 1.42 -27.47 44.89
N ASN D 124 2.04 -26.60 45.69
CA ASN D 124 1.34 -25.43 46.22
C ASN D 124 1.76 -24.13 45.55
N PHE D 125 3.03 -23.99 45.16
CA PHE D 125 3.42 -22.80 44.40
C PHE D 125 2.79 -22.78 43.02
N LEU D 126 2.77 -23.94 42.35
CA LEU D 126 2.15 -24.01 41.03
C LEU D 126 0.66 -23.71 41.08
N CYS D 127 -0.03 -24.05 42.17
CA CYS D 127 -1.44 -23.69 42.27
C CYS D 127 -1.61 -22.17 42.26
N LYS D 128 -0.79 -21.47 43.04
CA LYS D 128 -0.86 -20.00 43.03
C LYS D 128 -0.48 -19.45 41.67
N ALA D 129 0.49 -20.07 41.00
CA ALA D 129 0.88 -19.58 39.68
C ALA D 129 -0.24 -19.77 38.65
N VAL D 130 -0.99 -20.88 38.74
CA VAL D 130 -2.05 -21.09 37.77
C VAL D 130 -3.30 -20.33 38.14
N HIS D 131 -3.43 -19.93 39.40
CA HIS D 131 -4.58 -19.12 39.75
C HIS D 131 -4.33 -17.67 39.35
N VAL D 132 -3.12 -17.19 39.59
CA VAL D 132 -2.78 -15.83 39.19
C VAL D 132 -2.87 -15.70 37.68
N ILE D 133 -2.34 -16.68 36.95
CA ILE D 133 -2.41 -16.61 35.49
C ILE D 133 -3.86 -16.66 35.02
N TYR D 134 -4.67 -17.52 35.64
CA TYR D 134 -6.08 -17.59 35.26
C TYR D 134 -6.79 -16.26 35.48
N THR D 135 -6.56 -15.64 36.65
CA THR D 135 -7.21 -14.37 36.95
C THR D 135 -6.74 -13.26 36.01
N VAL D 136 -5.43 -13.17 35.76
CA VAL D 136 -4.90 -12.17 34.84
C VAL D 136 -5.56 -12.31 33.48
N SER D 137 -5.56 -13.52 32.95
CA SER D 137 -6.11 -13.73 31.62
C SER D 137 -7.60 -13.44 31.57
N LEU D 138 -8.35 -13.93 32.57
CA LEU D 138 -9.80 -13.76 32.55
C LEU D 138 -10.20 -12.29 32.62
N TYR D 139 -9.57 -11.53 33.50
CA TYR D 139 -9.96 -10.12 33.59
C TYR D 139 -9.43 -9.30 32.43
N SER D 140 -8.20 -9.55 31.99
CA SER D 140 -7.64 -8.78 30.90
C SER D 140 -8.40 -9.04 29.59
N SER D 141 -8.90 -10.26 29.38
CA SER D 141 -9.62 -10.53 28.15
C SER D 141 -10.89 -9.68 28.04
N VAL D 142 -11.70 -9.66 29.11
CA VAL D 142 -12.95 -8.90 29.05
C VAL D 142 -12.66 -7.40 29.04
N LEU D 143 -11.62 -6.95 29.76
CA LEU D 143 -11.29 -5.53 29.72
C LEU D 143 -10.81 -5.11 28.33
N ILE D 144 -10.05 -5.98 27.66
CA ILE D 144 -9.62 -5.69 26.30
C ILE D 144 -10.81 -5.68 25.36
N LEU D 145 -11.79 -6.56 25.59
CA LEU D 145 -13.01 -6.52 24.77
C LEU D 145 -13.74 -5.20 24.94
N ALA D 146 -13.86 -4.72 26.17
CA ALA D 146 -14.48 -3.42 26.39
C ALA D 146 -13.69 -2.30 25.72
N PHE D 147 -12.37 -2.38 25.78
CA PHE D 147 -11.53 -1.37 25.13
C PHE D 147 -11.70 -1.38 23.62
N ILE D 148 -11.79 -2.57 23.03
CA ILE D 148 -12.04 -2.70 21.60
C ILE D 148 -13.40 -2.10 21.26
N SER D 149 -14.40 -2.34 22.11
CA SER D 149 -15.71 -1.76 21.89
C SER D 149 -15.65 -0.24 21.90
N LEU D 150 -14.93 0.34 22.86
CA LEU D 150 -14.78 1.79 22.93
C LEU D 150 -14.05 2.33 21.71
N ASP D 151 -13.00 1.64 21.28
CA ASP D 151 -12.25 2.06 20.10
C ASP D 151 -13.13 2.05 18.86
N ARG D 152 -13.93 1.01 18.69
CA ARG D 152 -14.83 0.94 17.55
C ARG D 152 -15.90 2.02 17.61
N TYR D 153 -16.39 2.33 18.82
CA TYR D 153 -17.32 3.44 18.96
C TYR D 153 -16.68 4.74 18.50
N LEU D 154 -15.44 4.99 18.92
CA LEU D 154 -14.75 6.21 18.50
C LEU D 154 -14.52 6.24 17.00
N ALA D 155 -14.20 5.09 16.41
CA ALA D 155 -13.90 5.06 14.98
C ALA D 155 -15.16 5.21 14.13
N ILE D 156 -16.30 4.72 14.59
CA ILE D 156 -17.51 4.76 13.78
C ILE D 156 -18.31 6.02 14.03
N VAL D 157 -18.46 6.44 15.29
CA VAL D 157 -19.24 7.64 15.58
C VAL D 157 -18.42 8.88 15.30
N HIS D 158 -17.26 9.01 15.93
CA HIS D 158 -16.37 10.15 15.71
C HIS D 158 -15.27 9.77 14.71
N ALA D 159 -15.70 9.49 13.49
CA ALA D 159 -14.80 8.93 12.50
C ALA D 159 -13.71 9.92 12.09
N THR D 160 -14.04 11.21 11.99
CA THR D 160 -13.11 12.17 11.42
C THR D 160 -12.23 12.85 12.46
N ASN D 161 -12.76 13.12 13.65
CA ASN D 161 -12.03 13.89 14.66
C ASN D 161 -11.60 13.05 15.86
N SER D 162 -11.41 11.74 15.66
CA SER D 162 -10.90 10.87 16.71
C SER D 162 -9.83 9.95 16.12
N GLN D 163 -8.60 10.45 16.08
CA GLN D 163 -7.43 9.64 15.79
C GLN D 163 -6.37 9.74 16.87
N ARG D 164 -6.11 10.94 17.38
CA ARG D 164 -5.27 11.08 18.57
C ARG D 164 -5.94 10.46 19.80
N PRO D 165 -7.23 10.68 20.08
CA PRO D 165 -7.84 9.97 21.20
C PRO D 165 -7.75 8.46 21.09
N ARG D 166 -7.89 7.92 19.88
CA ARG D 166 -7.88 6.47 19.74
C ARG D 166 -6.52 5.86 19.99
N LYS D 167 -5.44 6.63 19.90
CA LYS D 167 -4.13 6.08 20.22
C LYS D 167 -3.70 6.40 21.64
N LEU D 168 -4.03 7.60 22.14
CA LEU D 168 -3.85 7.84 23.56
C LEU D 168 -4.56 6.74 24.35
N LEU D 169 -5.87 6.61 24.12
CA LEU D 169 -6.63 5.47 24.61
C LEU D 169 -5.86 4.18 24.41
N ALA D 170 -5.54 3.84 23.15
CA ALA D 170 -5.02 2.51 22.86
C ALA D 170 -3.82 2.21 23.74
N GLU D 171 -2.67 2.84 23.51
CA GLU D 171 -1.50 2.46 24.31
C GLU D 171 -1.68 2.81 25.79
N LYS D 172 -1.79 4.09 26.10
CA LYS D 172 -1.68 4.50 27.49
C LYS D 172 -2.80 3.85 28.30
N VAL D 173 -4.04 4.16 27.93
CA VAL D 173 -5.14 3.68 28.72
C VAL D 173 -5.27 2.17 28.63
N VAL D 174 -4.75 1.47 27.59
CA VAL D 174 -4.90 0.02 27.63
C VAL D 174 -4.09 -0.54 28.77
N TYR D 175 -2.82 -0.09 28.90
CA TYR D 175 -2.06 -0.66 30.01
C TYR D 175 -2.65 -0.25 31.35
N VAL D 176 -2.99 1.04 31.49
CA VAL D 176 -3.44 1.54 32.78
C VAL D 176 -4.77 0.92 33.21
N GLY D 177 -5.71 0.78 32.29
CA GLY D 177 -7.03 0.31 32.60
C GLY D 177 -7.28 -1.16 32.34
N VAL D 178 -6.26 -1.90 31.92
CA VAL D 178 -6.46 -3.32 31.64
C VAL D 178 -5.46 -4.14 32.44
N TRP D 179 -4.17 -3.97 32.18
CA TRP D 179 -3.20 -4.88 32.77
C TRP D 179 -2.97 -4.61 34.26
N ILE D 180 -2.98 -3.34 34.66
CA ILE D 180 -2.79 -3.02 36.07
C ILE D 180 -3.91 -3.56 36.96
N PRO D 181 -5.20 -3.33 36.65
CA PRO D 181 -6.23 -3.86 37.54
C PRO D 181 -6.31 -5.37 37.57
N ALA D 182 -5.93 -6.05 36.48
CA ALA D 182 -5.90 -7.51 36.53
C ALA D 182 -4.89 -8.00 37.56
N LEU D 183 -3.70 -7.40 37.59
CA LEU D 183 -2.69 -7.74 38.60
C LEU D 183 -3.16 -7.41 40.01
N LEU D 184 -3.85 -6.28 40.20
CA LEU D 184 -4.36 -6.00 41.55
C LEU D 184 -5.39 -7.03 41.98
N LEU D 185 -6.25 -7.46 41.05
CA LEU D 185 -7.23 -8.50 41.38
C LEU D 185 -6.55 -9.83 41.68
N THR D 186 -5.45 -10.15 40.99
CA THR D 186 -4.62 -11.30 41.35
C THR D 186 -3.98 -11.21 42.74
N ILE D 187 -3.76 -10.01 43.28
CA ILE D 187 -3.16 -9.91 44.63
C ILE D 187 -3.90 -10.71 45.71
N PRO D 188 -5.23 -10.59 45.88
CA PRO D 188 -5.90 -11.53 46.79
C PRO D 188 -5.79 -12.98 46.35
N ASP D 189 -5.75 -13.23 45.04
CA ASP D 189 -5.48 -14.59 44.58
C ASP D 189 -4.14 -15.09 45.12
N PHE D 190 -3.15 -14.20 45.20
CA PHE D 190 -1.88 -14.57 45.81
C PHE D 190 -2.04 -14.89 47.29
N ILE D 191 -2.84 -14.09 47.99
CA ILE D 191 -2.95 -14.28 49.43
C ILE D 191 -3.81 -15.49 49.84
N PHE D 192 -4.82 -15.86 49.05
CA PHE D 192 -5.78 -16.87 49.48
C PHE D 192 -5.78 -18.17 48.67
N ALA D 193 -4.82 -18.41 47.80
CA ALA D 193 -4.77 -19.65 47.02
C ALA D 193 -3.79 -20.61 47.69
N ASN D 194 -4.32 -21.69 48.24
CA ASN D 194 -3.49 -22.70 48.90
C ASN D 194 -4.09 -24.08 48.67
N VAL D 195 -3.24 -25.09 48.82
CA VAL D 195 -3.63 -26.49 48.66
C VAL D 195 -4.15 -27.00 50.00
N SER D 196 -5.33 -27.62 49.99
CA SER D 196 -5.91 -28.21 51.18
C SER D 196 -6.34 -29.63 50.87
N GLU D 197 -6.21 -30.51 51.86
CA GLU D 197 -6.57 -31.91 51.70
C GLU D 197 -7.98 -32.14 52.26
N ALA D 198 -8.82 -32.81 51.47
CA ALA D 198 -10.16 -33.18 51.87
C ALA D 198 -10.30 -34.69 51.72
N ASP D 199 -10.66 -35.36 52.82
CA ASP D 199 -10.68 -36.83 52.90
C ASP D 199 -9.28 -37.31 52.56
N ASP D 200 -9.09 -38.12 51.52
CA ASP D 200 -7.77 -38.56 51.09
C ASP D 200 -7.34 -37.89 49.80
N ARG D 201 -7.90 -36.72 49.49
CA ARG D 201 -7.68 -36.07 48.22
C ARG D 201 -7.22 -34.63 48.44
N TYR D 202 -6.27 -34.17 47.62
CA TYR D 202 -5.72 -32.83 47.70
C TYR D 202 -6.35 -31.96 46.61
N ILE D 203 -7.12 -30.96 47.03
CA ILE D 203 -7.76 -30.00 46.12
C ILE D 203 -7.28 -28.61 46.48
N CYS D 204 -6.97 -27.80 45.47
CA CYS D 204 -6.48 -26.45 45.71
C CYS D 204 -7.40 -25.46 45.01
N ASP D 205 -7.79 -24.42 45.74
CA ASP D 205 -8.63 -23.34 45.22
C ASP D 205 -8.49 -22.14 46.14
N ARG D 206 -9.40 -21.18 45.97
CA ARG D 206 -9.37 -19.92 46.71
C ARG D 206 -10.02 -20.16 48.07
N PHE D 207 -9.19 -20.36 49.10
CA PHE D 207 -9.67 -20.66 50.44
C PHE D 207 -9.74 -19.38 51.25
N TYR D 208 -10.85 -19.18 51.97
CA TYR D 208 -11.13 -17.94 52.66
C TYR D 208 -11.44 -18.22 54.13
N PRO D 209 -11.23 -17.22 55.00
CA PRO D 209 -11.52 -17.45 56.43
C PRO D 209 -12.97 -17.82 56.72
N ASN D 210 -13.92 -17.24 55.99
CA ASN D 210 -15.33 -17.51 56.22
C ASN D 210 -16.08 -17.24 54.93
N ASP D 211 -17.41 -17.41 54.99
CA ASP D 211 -18.22 -17.24 53.79
C ASP D 211 -18.37 -15.78 53.38
N LEU D 212 -18.13 -14.84 54.29
CA LEU D 212 -18.25 -13.43 53.93
C LEU D 212 -17.22 -13.04 52.88
N TRP D 213 -15.98 -13.49 53.06
CA TRP D 213 -14.95 -13.24 52.06
C TRP D 213 -15.29 -13.91 50.74
N VAL D 214 -15.82 -15.13 50.80
CA VAL D 214 -16.25 -15.83 49.59
C VAL D 214 -17.27 -15.00 48.84
N VAL D 215 -18.27 -14.47 49.56
CA VAL D 215 -19.35 -13.72 48.94
C VAL D 215 -18.82 -12.42 48.34
N VAL D 216 -17.99 -11.69 49.10
CA VAL D 216 -17.53 -10.40 48.60
C VAL D 216 -16.62 -10.59 47.38
N PHE D 217 -15.80 -11.64 47.38
CA PHE D 217 -14.96 -11.85 46.21
C PHE D 217 -15.74 -12.38 45.02
N GLN D 218 -16.78 -13.17 45.25
CA GLN D 218 -17.65 -13.56 44.13
C GLN D 218 -18.37 -12.35 43.55
N PHE D 219 -18.84 -11.44 44.41
CA PHE D 219 -19.49 -10.23 43.92
C PHE D 219 -18.53 -9.33 43.15
N GLN D 220 -17.30 -9.18 43.64
CA GLN D 220 -16.34 -8.36 42.89
C GLN D 220 -15.94 -9.06 41.59
N HIS D 221 -15.93 -10.39 41.58
CA HIS D 221 -15.72 -11.14 40.36
C HIS D 221 -16.80 -10.82 39.34
N ILE D 222 -18.06 -10.85 39.78
CA ILE D 222 -19.17 -10.57 38.89
C ILE D 222 -19.07 -9.14 38.37
N MET D 223 -18.80 -8.19 39.27
CA MET D 223 -18.73 -6.79 38.89
C MET D 223 -17.62 -6.53 37.87
N VAL D 224 -16.40 -6.96 38.16
CA VAL D 224 -15.29 -6.74 37.24
C VAL D 224 -15.51 -7.49 35.94
N GLY D 225 -15.77 -8.80 36.01
CA GLY D 225 -15.86 -9.59 34.80
C GLY D 225 -17.08 -9.25 33.96
N LEU D 226 -18.27 -9.30 34.57
CA LEU D 226 -19.48 -9.17 33.79
C LEU D 226 -20.01 -7.74 33.65
N ILE D 227 -19.96 -6.94 34.72
CA ILE D 227 -20.71 -5.69 34.68
C ILE D 227 -19.95 -4.58 33.97
N LEU D 228 -18.65 -4.44 34.18
CA LEU D 228 -18.05 -3.24 33.62
C LEU D 228 -17.82 -3.48 32.13
N PRO D 229 -17.26 -4.64 31.73
CA PRO D 229 -17.12 -4.87 30.30
C PRO D 229 -18.47 -5.00 29.66
N GLY D 230 -19.44 -5.57 30.36
CA GLY D 230 -20.76 -5.73 29.78
C GLY D 230 -21.40 -4.40 29.46
N ILE D 231 -21.32 -3.46 30.40
CA ILE D 231 -21.93 -2.15 30.17
C ILE D 231 -21.20 -1.39 29.06
N VAL D 232 -19.87 -1.43 29.06
CA VAL D 232 -19.16 -0.72 27.99
C VAL D 232 -19.45 -1.33 26.63
N ILE D 233 -19.44 -2.67 26.55
CA ILE D 233 -19.66 -3.34 25.27
C ILE D 233 -21.08 -3.11 24.79
N LEU D 234 -22.04 -3.12 25.72
CA LEU D 234 -23.43 -2.98 25.33
C LEU D 234 -23.68 -1.57 24.85
N SER D 235 -23.39 -0.57 25.69
CA SER D 235 -23.65 0.81 25.30
C SER D 235 -22.96 1.15 23.98
N CYS D 236 -21.66 0.83 23.85
CA CYS D 236 -20.94 1.20 22.65
C CYS D 236 -21.47 0.50 21.40
N TYR D 237 -21.69 -0.82 21.47
CA TYR D 237 -22.14 -1.52 20.28
C TYR D 237 -23.60 -1.24 19.96
N CYS D 238 -24.41 -0.89 20.95
CA CYS D 238 -25.79 -0.50 20.66
C CYS D 238 -25.85 0.87 20.03
N ILE D 239 -24.94 1.78 20.40
CA ILE D 239 -24.85 3.05 19.69
C ILE D 239 -24.33 2.83 18.27
N ILE D 240 -23.42 1.87 18.09
CA ILE D 240 -22.92 1.58 16.75
C ILE D 240 -24.02 1.01 15.86
N ILE D 241 -24.79 0.06 16.38
CA ILE D 241 -25.82 -0.59 15.56
C ILE D 241 -26.89 0.41 15.15
N SER D 242 -27.26 1.33 16.05
CA SER D 242 -28.31 2.29 15.74
C SER D 242 -27.94 3.15 14.54
N LYS D 243 -26.68 3.57 14.46
CA LYS D 243 -26.22 4.40 13.35
C LYS D 243 -26.05 3.62 12.06
N LEU D 244 -26.07 2.29 12.11
CA LEU D 244 -25.92 1.45 10.93
C LEU D 244 -27.21 0.74 10.53
N SER D 245 -28.29 0.94 11.28
CA SER D 245 -29.53 0.21 11.02
C SER D 245 -30.26 0.75 9.79
N HIS D 246 -30.33 2.07 9.65
CA HIS D 246 -31.11 2.65 8.56
C HIS D 246 -30.42 2.49 7.21
N SER D 247 -29.10 2.65 7.19
CA SER D 247 -28.37 2.61 5.93
C SER D 247 -28.48 1.24 5.28
N LYS D 248 -28.73 1.25 3.96
CA LYS D 248 -28.91 0.03 3.19
C LYS D 248 -27.66 -0.39 2.44
N GLY D 249 -26.52 0.21 2.75
CA GLY D 249 -25.28 -0.21 2.11
C GLY D 249 -24.92 -1.63 2.49
N HIS D 250 -24.24 -2.32 1.57
CA HIS D 250 -23.85 -3.69 1.81
C HIS D 250 -22.87 -3.80 2.97
N GLN D 251 -21.84 -2.94 2.97
CA GLN D 251 -20.83 -3.01 4.01
C GLN D 251 -21.39 -2.64 5.37
N LYS D 252 -22.29 -1.66 5.43
CA LYS D 252 -22.90 -1.31 6.71
C LYS D 252 -23.79 -2.43 7.23
N ARG D 253 -24.49 -3.13 6.34
CA ARG D 253 -25.29 -4.28 6.77
C ARG D 253 -24.41 -5.41 7.30
N LYS D 254 -23.29 -5.67 6.63
CA LYS D 254 -22.36 -6.67 7.13
C LYS D 254 -21.83 -6.28 8.50
N ALA D 255 -21.47 -5.01 8.68
CA ALA D 255 -20.97 -4.54 9.96
C ALA D 255 -22.03 -4.67 11.04
N LEU D 256 -23.28 -4.35 10.71
CA LEU D 256 -24.36 -4.45 11.69
C LEU D 256 -24.56 -5.90 12.15
N LYS D 257 -24.58 -6.84 11.21
CA LYS D 257 -24.77 -8.23 11.62
C LYS D 257 -23.57 -8.75 12.40
N THR D 258 -22.35 -8.32 12.04
CA THR D 258 -21.19 -8.71 12.82
C THR D 258 -21.23 -8.15 14.24
N THR D 259 -21.68 -6.90 14.39
CA THR D 259 -21.79 -6.30 15.72
C THR D 259 -22.83 -7.03 16.57
N VAL D 260 -23.96 -7.39 15.97
CA VAL D 260 -24.96 -8.16 16.69
C VAL D 260 -24.37 -9.50 17.12
N ILE D 261 -23.61 -10.14 16.23
CA ILE D 261 -22.96 -11.40 16.55
C ILE D 261 -22.02 -11.21 17.74
N LEU D 262 -21.27 -10.12 17.76
CA LEU D 262 -20.33 -9.87 18.85
C LEU D 262 -21.04 -9.73 20.19
N ILE D 263 -22.10 -8.93 20.22
CA ILE D 263 -22.85 -8.75 21.47
C ILE D 263 -23.42 -10.09 21.94
N LEU D 264 -24.06 -10.82 21.02
CA LEU D 264 -24.66 -12.09 21.39
C LEU D 264 -23.62 -13.08 21.87
N ALA D 265 -22.47 -13.12 21.20
CA ALA D 265 -21.42 -14.05 21.60
C ALA D 265 -20.92 -13.74 23.00
N PHE D 266 -20.61 -12.47 23.27
CA PHE D 266 -20.10 -12.12 24.60
C PHE D 266 -21.10 -12.48 25.68
N PHE D 267 -22.36 -12.08 25.50
CA PHE D 267 -23.32 -12.28 26.58
C PHE D 267 -23.74 -13.73 26.71
N ALA D 268 -23.94 -14.44 25.60
CA ALA D 268 -24.25 -15.85 25.70
C ALA D 268 -23.10 -16.65 26.29
N CYS D 269 -21.86 -16.20 26.09
CA CYS D 269 -20.73 -16.90 26.68
C CYS D 269 -20.62 -16.65 28.17
N TRP D 270 -20.81 -15.41 28.61
CA TRP D 270 -20.50 -15.07 30.00
C TRP D 270 -21.72 -14.93 30.91
N LEU D 271 -22.93 -15.02 30.40
CA LEU D 271 -24.09 -14.74 31.24
C LEU D 271 -24.50 -15.92 32.12
N PRO D 272 -24.66 -17.14 31.59
CA PRO D 272 -25.08 -18.24 32.47
C PRO D 272 -24.12 -18.49 33.63
N TYR D 273 -22.81 -18.36 33.37
CA TYR D 273 -21.82 -18.59 34.40
C TYR D 273 -21.99 -17.62 35.56
N TYR D 274 -22.16 -16.33 35.25
CA TYR D 274 -22.28 -15.34 36.30
C TYR D 274 -23.66 -15.36 36.94
N ILE D 275 -24.69 -15.79 36.22
CA ILE D 275 -25.99 -16.00 36.87
C ILE D 275 -25.89 -17.11 37.90
N GLY D 276 -25.22 -18.22 37.55
CA GLY D 276 -25.00 -19.27 38.52
C GLY D 276 -24.18 -18.81 39.71
N ILE D 277 -23.15 -18.00 39.46
CA ILE D 277 -22.34 -17.48 40.55
C ILE D 277 -23.18 -16.58 41.46
N SER D 278 -24.04 -15.75 40.87
CA SER D 278 -24.91 -14.90 41.67
C SER D 278 -25.86 -15.72 42.53
N ILE D 279 -26.43 -16.78 41.95
CA ILE D 279 -27.32 -17.65 42.72
C ILE D 279 -26.57 -18.32 43.86
N ASP D 280 -25.33 -18.78 43.59
CA ASP D 280 -24.53 -19.40 44.63
C ASP D 280 -24.22 -18.42 45.76
N SER D 281 -23.87 -17.18 45.40
CA SER D 281 -23.58 -16.18 46.42
C SER D 281 -24.80 -15.87 47.26
N PHE D 282 -25.98 -15.78 46.61
CA PHE D 282 -27.21 -15.57 47.36
C PHE D 282 -27.48 -16.75 48.28
N ILE D 283 -27.18 -17.97 47.83
CA ILE D 283 -27.36 -19.16 48.67
C ILE D 283 -26.49 -19.06 49.91
N LEU D 284 -25.22 -18.66 49.74
CA LEU D 284 -24.32 -18.56 50.88
C LEU D 284 -24.72 -17.47 51.87
N LEU D 285 -25.55 -16.51 51.45
CA LEU D 285 -25.98 -15.43 52.32
C LEU D 285 -27.27 -15.74 53.05
N GLU D 286 -27.82 -16.94 52.87
CA GLU D 286 -29.06 -17.38 53.51
C GLU D 286 -30.28 -16.57 53.07
N ILE D 287 -30.11 -15.67 52.11
CA ILE D 287 -31.25 -14.89 51.62
C ILE D 287 -32.22 -15.79 50.87
N ILE D 288 -31.73 -16.84 50.23
CA ILE D 288 -32.58 -17.84 49.58
C ILE D 288 -32.36 -19.18 50.28
N LYS D 289 -33.46 -19.81 50.67
CA LYS D 289 -33.41 -21.08 51.39
C LYS D 289 -34.28 -22.10 50.69
N GLN D 290 -33.66 -23.18 50.20
CA GLN D 290 -34.36 -24.28 49.56
C GLN D 290 -33.75 -25.57 50.08
N GLY D 291 -34.11 -26.69 49.44
CA GLY D 291 -33.50 -27.96 49.79
C GLY D 291 -32.09 -28.07 49.27
N CYS D 292 -31.33 -29.02 49.84
CA CYS D 292 -29.94 -29.22 49.45
C CYS D 292 -29.81 -29.60 47.97
N GLU D 293 -30.86 -30.16 47.40
CA GLU D 293 -30.87 -30.42 45.96
C GLU D 293 -30.71 -29.12 45.16
N PHE D 294 -31.27 -28.01 45.66
CA PHE D 294 -31.07 -26.74 44.98
C PHE D 294 -29.61 -26.33 44.96
N GLU D 295 -28.90 -26.51 46.08
CA GLU D 295 -27.48 -26.21 46.10
C GLU D 295 -26.72 -27.11 45.12
N ASN D 296 -26.97 -28.42 45.17
CA ASN D 296 -26.22 -29.30 44.28
C ASN D 296 -26.53 -29.03 42.81
N THR D 297 -27.78 -28.74 42.47
CA THR D 297 -28.10 -28.40 41.08
C THR D 297 -27.45 -27.08 40.67
N VAL D 298 -27.45 -26.09 41.56
CA VAL D 298 -26.81 -24.81 41.25
C VAL D 298 -25.30 -25.01 41.03
N HIS D 299 -24.68 -25.88 41.82
CA HIS D 299 -23.26 -26.14 41.64
C HIS D 299 -23.01 -26.88 40.33
N LYS D 300 -23.91 -27.78 39.95
CA LYS D 300 -23.71 -28.48 38.69
C LYS D 300 -23.97 -27.56 37.52
N TRP D 301 -24.80 -26.54 37.71
CA TRP D 301 -25.01 -25.54 36.68
C TRP D 301 -23.77 -24.66 36.53
N ILE D 302 -23.17 -24.26 37.66
CA ILE D 302 -21.95 -23.48 37.60
C ILE D 302 -20.85 -24.27 36.90
N SER D 303 -20.71 -25.54 37.27
CA SER D 303 -19.67 -26.36 36.66
C SER D 303 -19.93 -26.62 35.18
N ILE D 304 -21.20 -26.65 34.76
CA ILE D 304 -21.46 -26.94 33.36
C ILE D 304 -21.36 -25.69 32.49
N THR D 305 -21.72 -24.52 33.02
CA THR D 305 -21.58 -23.28 32.27
C THR D 305 -20.20 -22.64 32.38
N GLU D 306 -19.36 -23.10 33.30
CA GLU D 306 -17.99 -22.59 33.35
C GLU D 306 -17.24 -22.93 32.07
N ALA D 307 -17.47 -24.12 31.52
CA ALA D 307 -16.85 -24.48 30.24
C ALA D 307 -17.39 -23.63 29.10
N LEU D 308 -18.69 -23.33 29.12
CA LEU D 308 -19.26 -22.45 28.12
C LEU D 308 -18.61 -21.07 28.18
N ALA D 309 -18.36 -20.58 29.39
CA ALA D 309 -17.62 -19.33 29.53
C ALA D 309 -16.19 -19.47 29.03
N PHE D 310 -15.55 -20.61 29.31
CA PHE D 310 -14.19 -20.86 28.85
C PHE D 310 -14.09 -20.90 27.33
N PHE D 311 -15.21 -21.13 26.64
CA PHE D 311 -15.21 -21.13 25.18
C PHE D 311 -14.83 -19.77 24.60
N HIS D 312 -14.82 -18.71 25.41
CA HIS D 312 -14.47 -17.38 24.90
C HIS D 312 -13.05 -17.34 24.37
N CYS D 313 -12.12 -18.04 25.01
CA CYS D 313 -10.72 -17.95 24.63
C CYS D 313 -10.42 -18.60 23.29
N CYS D 314 -11.37 -19.35 22.72
CA CYS D 314 -11.26 -19.81 21.35
C CYS D 314 -12.27 -19.15 20.43
N LEU D 315 -13.33 -18.56 20.97
CA LEU D 315 -14.26 -17.81 20.13
C LEU D 315 -13.67 -16.47 19.72
N ASN D 316 -12.93 -15.82 20.61
CA ASN D 316 -12.42 -14.48 20.33
C ASN D 316 -11.52 -14.40 19.10
N PRO D 317 -10.59 -15.32 18.85
CA PRO D 317 -9.83 -15.23 17.59
C PRO D 317 -10.71 -15.27 16.36
N ILE D 318 -11.81 -16.02 16.41
CA ILE D 318 -12.73 -16.07 15.28
C ILE D 318 -13.43 -14.73 15.11
N LEU D 319 -13.96 -14.18 16.20
CA LEU D 319 -14.82 -13.00 16.10
C LEU D 319 -14.03 -11.73 15.82
N TYR D 320 -12.88 -11.57 16.47
CA TYR D 320 -12.15 -10.32 16.38
C TYR D 320 -10.99 -10.35 15.39
N ALA D 321 -10.57 -11.53 14.95
CA ALA D 321 -9.51 -11.60 13.94
C ALA D 321 -9.97 -12.28 12.66
N PHE D 322 -10.51 -13.49 12.72
CA PHE D 322 -10.70 -14.27 11.51
C PHE D 322 -11.87 -13.80 10.65
N LEU D 323 -12.86 -13.15 11.26
CA LEU D 323 -14.02 -12.71 10.48
C LEU D 323 -13.69 -11.50 9.60
N GLY D 324 -12.74 -10.68 10.02
CA GLY D 324 -12.43 -9.48 9.26
C GLY D 324 -11.74 -9.79 7.94
N ALA D 325 -12.06 -8.97 6.93
CA ALA D 325 -11.46 -9.14 5.61
C ALA D 325 -10.02 -8.66 5.58
N LYS D 326 -9.73 -7.54 6.24
CA LYS D 326 -8.36 -7.03 6.23
C LYS D 326 -7.41 -7.99 6.94
N PHE D 327 -7.85 -8.60 8.05
CA PHE D 327 -7.03 -9.60 8.70
C PHE D 327 -6.88 -10.84 7.82
N LYS D 328 -7.91 -11.20 7.06
CA LYS D 328 -7.78 -12.31 6.12
C LYS D 328 -6.68 -12.02 5.10
N THR D 329 -6.67 -10.80 4.55
CA THR D 329 -5.64 -10.43 3.59
C THR D 329 -4.26 -10.44 4.22
N SER D 330 -4.15 -9.93 5.45
CA SER D 330 -2.87 -9.96 6.16
C SER D 330 -2.41 -11.40 6.37
N ALA D 331 -3.35 -12.29 6.68
CA ALA D 331 -2.99 -13.68 6.89
C ALA D 331 -2.54 -14.32 5.58
N GLN D 332 -3.16 -13.91 4.46
CA GLN D 332 -2.76 -14.45 3.17
C GLN D 332 -1.34 -14.02 2.83
N HIS D 333 -0.99 -12.77 3.14
CA HIS D 333 0.37 -12.31 2.87
C HIS D 333 1.36 -13.03 3.78
N ALA D 334 1.06 -13.08 5.08
CA ALA D 334 1.94 -13.76 6.03
C ALA D 334 2.17 -15.20 5.64
N LEU D 335 1.13 -15.86 5.10
CA LEU D 335 1.26 -17.26 4.71
C LEU D 335 2.28 -17.42 3.59
N THR D 336 2.26 -16.53 2.60
CA THR D 336 3.21 -16.59 1.50
C THR D 336 4.54 -15.94 1.90
C1 CLR E . 2.20 -3.25 21.97
C2 CLR E . 2.63 -2.55 20.72
C3 CLR E . 4.00 -2.98 20.37
C4 CLR E . 3.82 -4.42 19.91
C5 CLR E . 3.24 -5.35 20.96
C6 CLR E . 3.83 -6.50 21.21
C7 CLR E . 3.28 -7.53 22.22
C8 CLR E . 2.50 -6.87 23.39
C9 CLR E . 2.56 -5.32 23.29
C10 CLR E . 2.15 -4.77 21.91
C11 CLR E . 1.89 -4.62 24.48
C12 CLR E . 2.24 -5.24 25.84
C13 CLR E . 2.03 -6.76 25.82
C14 CLR E . 3.00 -7.31 24.72
C15 CLR E . 2.99 -8.83 25.00
C16 CLR E . 2.91 -8.92 26.58
C17 CLR E . 2.57 -7.47 27.10
C18 CLR E . 0.61 -7.16 25.56
C19 CLR E . 0.75 -5.27 21.51
C20 CLR E . 1.54 -7.50 28.23
C21 CLR E . 1.60 -6.27 29.15
C22 CLR E . 1.86 -8.77 29.11
C23 CLR E . 1.23 -8.61 30.51
C24 CLR E . 2.29 -9.18 31.50
C25 CLR E . 1.76 -10.54 31.98
C26 CLR E . 2.97 -11.45 32.23
C27 CLR E . 0.81 -10.40 33.18
O1 CLR E . 4.62 -2.21 19.37
#